data_3LDN
#
_entry.id   3LDN
#
_cell.length_a   55.830
_cell.length_b   75.222
_cell.length_c   89.649
_cell.angle_alpha   90.00
_cell.angle_beta   99.18
_cell.angle_gamma   90.00
#
_symmetry.space_group_name_H-M   'P 1 21 1'
#
loop_
_entity.id
_entity.type
_entity.pdbx_description
1 polymer '78 kDa glucose-regulated protein'
2 water water
#
_entity_poly.entity_id   1
_entity_poly.type   'polypeptide(L)'
_entity_poly.pdbx_seq_one_letter_code
;GSDVGTVVGIDLGTTYSCVGVFKNGRVEIIANDQGNRITPSYVAFTPEGERLIGDAAKNQLTSNPENTVFDAKRLIGRTW
NDPSVQQDIKFLPFKVVEKKTKPYIQVDIGGGQTKTFAPEEISAMVLTKMKETAEAYLGKKVTHAVVTVPAYFNDAQRQA
TKDAGTIAGLNVMRIINEPTAAAIAYGLDKREGEKNILVFDLGGGTFDVSLLTIDNGVFEVVATNGDTHLGGEDFDQRVM
EHFIKLYKKKTGKDVRKDNRAVQKLRREVEKAKRALSSQHQARIEIESFYEGEDFSETLTRAKFEELNMDLFRSTMKPVQ
KVLEDSDLKKSDIDEIVLVGGSTRIPKIQQLVKEFFNGKEPSRGINPDEAVAYGAAVQAGVLSG
;
_entity_poly.pdbx_strand_id   A,B
#
# COMPACT_ATOMS: atom_id res chain seq x y z
N ASP A 3 -7.25 -17.24 19.60
CA ASP A 3 -6.46 -18.44 19.13
C ASP A 3 -4.97 -18.16 18.80
N VAL A 4 -4.66 -17.54 17.66
CA VAL A 4 -3.29 -17.06 17.38
C VAL A 4 -3.03 -15.66 18.00
N GLY A 5 -4.10 -14.93 18.27
CA GLY A 5 -4.02 -13.60 18.87
C GLY A 5 -3.46 -12.57 17.89
N THR A 6 -2.75 -11.55 18.40
CA THR A 6 -2.08 -10.62 17.53
C THR A 6 -0.71 -11.19 17.22
N VAL A 7 -0.52 -11.60 15.98
CA VAL A 7 0.74 -12.15 15.57
C VAL A 7 1.71 -11.03 15.25
N VAL A 8 2.94 -11.22 15.67
CA VAL A 8 3.97 -10.21 15.39
C VAL A 8 4.90 -10.62 14.21
N GLY A 9 5.50 -9.62 13.57
CA GLY A 9 6.44 -9.78 12.50
C GLY A 9 7.81 -9.41 13.00
N ILE A 10 8.72 -10.37 13.01
CA ILE A 10 10.11 -10.17 13.49
C ILE A 10 11.20 -10.32 12.43
N ASP A 11 11.89 -9.22 12.11
CA ASP A 11 13.21 -9.30 11.47
C ASP A 11 14.23 -9.70 12.59
N LEU A 12 14.73 -10.94 12.53
CA LEU A 12 15.81 -11.42 13.44
C LEU A 12 17.13 -11.28 12.73
N GLY A 13 17.78 -10.14 12.95
CA GLY A 13 18.95 -9.75 12.13
C GLY A 13 20.27 -10.13 12.77
N THR A 14 21.31 -10.24 11.95
CA THR A 14 22.65 -10.55 12.44
C THR A 14 23.06 -9.54 13.48
N THR A 15 22.89 -8.25 13.17
CA THR A 15 23.33 -7.17 14.07
C THR A 15 22.17 -6.42 14.83
N TYR A 16 21.04 -6.19 14.12
CA TYR A 16 19.83 -5.54 14.65
C TYR A 16 18.59 -6.32 14.31
N SER A 17 17.65 -6.30 15.25
CA SER A 17 16.37 -6.86 15.09
C SER A 17 15.29 -5.78 15.14
N CYS A 18 14.15 -6.11 14.55
CA CYS A 18 13.02 -5.21 14.39
C CYS A 18 11.74 -6.06 14.54
N VAL A 19 10.73 -5.48 15.18
CA VAL A 19 9.40 -6.08 15.36
C VAL A 19 8.28 -5.09 14.95
N GLY A 20 7.32 -5.61 14.18
CA GLY A 20 6.16 -4.82 13.71
C GLY A 20 4.88 -5.57 14.04
N VAL A 21 3.75 -4.89 13.97
CA VAL A 21 2.45 -5.50 14.14
C VAL A 21 1.40 -4.76 13.27
N PHE A 22 0.33 -5.46 12.90
CA PHE A 22 -0.74 -4.80 12.15
C PHE A 22 -1.78 -4.36 13.15
N LYS A 23 -1.98 -3.05 13.19
CA LYS A 23 -2.87 -2.41 14.19
C LYS A 23 -3.62 -1.27 13.50
N ASN A 24 -4.95 -1.29 13.58
CA ASN A 24 -5.81 -0.21 12.99
C ASN A 24 -5.64 0.02 11.53
N GLY A 25 -5.66 -1.08 10.76
CA GLY A 25 -5.50 -0.98 9.33
C GLY A 25 -4.11 -0.63 8.83
N ARG A 26 -3.09 -0.71 9.71
CA ARG A 26 -1.76 -0.23 9.37
C ARG A 26 -0.67 -1.02 10.11
N VAL A 27 0.48 -1.25 9.47
CA VAL A 27 1.68 -1.74 10.18
C VAL A 27 2.26 -0.68 11.14
N GLU A 28 2.51 -1.10 12.37
CA GLU A 28 3.22 -0.25 13.31
C GLU A 28 4.57 -0.88 13.62
N ILE A 29 5.65 -0.14 13.35
CA ILE A 29 6.96 -0.61 13.83
C ILE A 29 7.12 -0.15 15.27
N ILE A 30 7.38 -1.10 16.16
CA ILE A 30 7.37 -0.85 17.59
C ILE A 30 8.73 -0.43 18.17
N ALA A 31 8.74 0.64 18.96
CA ALA A 31 9.93 1.07 19.73
C ALA A 31 10.14 0.30 21.03
N ASN A 32 11.42 0.11 21.38
CA ASN A 32 11.78 -0.66 22.58
C ASN A 32 11.81 0.22 23.85
N ASP A 33 12.14 -0.35 25.01
CA ASP A 33 12.23 0.42 26.28
C ASP A 33 13.23 1.58 26.25
N GLN A 34 14.17 1.56 25.31
CA GLN A 34 15.12 2.66 25.10
C GLN A 34 14.69 3.69 24.04
N GLY A 35 13.48 3.51 23.49
CA GLY A 35 12.97 4.47 22.53
C GLY A 35 13.40 4.26 21.10
N ASN A 36 13.97 3.06 20.82
CA ASN A 36 14.49 2.67 19.50
C ASN A 36 13.67 1.66 18.70
N ARG A 37 13.57 1.89 17.42
CA ARG A 37 12.70 1.05 16.56
C ARG A 37 13.50 -0.09 15.98
N ILE A 38 14.82 -0.10 16.30
CA ILE A 38 15.68 -1.26 16.12
C ILE A 38 16.41 -1.57 17.42
N THR A 39 16.69 -2.86 17.64
CA THR A 39 17.26 -3.40 18.88
C THR A 39 18.42 -4.30 18.44
N PRO A 40 19.64 -4.06 18.98
CA PRO A 40 20.80 -4.88 18.74
C PRO A 40 20.62 -6.33 19.13
N SER A 41 21.10 -7.22 18.27
CA SER A 41 21.04 -8.64 18.52
C SER A 41 22.23 -9.08 19.36
N TYR A 42 22.29 -8.50 20.54
CA TYR A 42 23.36 -8.66 21.54
C TYR A 42 22.81 -9.16 22.85
N VAL A 43 23.62 -9.97 23.53
CA VAL A 43 23.30 -10.45 24.87
C VAL A 43 24.62 -10.35 25.68
N ALA A 44 24.55 -9.66 26.81
CA ALA A 44 25.68 -9.51 27.72
C ALA A 44 25.29 -9.98 29.12
N PHE A 45 26.22 -10.71 29.74
CA PHE A 45 26.08 -11.15 31.14
C PHE A 45 27.06 -10.31 31.98
N THR A 46 26.57 -9.59 32.99
CA THR A 46 27.50 -8.78 33.81
C THR A 46 28.13 -9.56 34.99
N PRO A 47 29.35 -9.14 35.46
CA PRO A 47 29.93 -9.79 36.67
C PRO A 47 28.94 -10.00 37.84
N GLU A 48 28.04 -9.04 38.08
CA GLU A 48 27.02 -9.11 39.13
C GLU A 48 25.91 -10.13 38.84
N GLY A 49 25.85 -10.60 37.60
CA GLY A 49 24.94 -11.65 37.23
C GLY A 49 23.70 -11.17 36.51
N GLU A 50 23.68 -9.93 36.08
CA GLU A 50 22.57 -9.43 35.28
C GLU A 50 22.72 -9.86 33.83
N ARG A 51 21.60 -10.31 33.23
CA ARG A 51 21.57 -10.56 31.81
C ARG A 51 21.00 -9.38 31.03
N LEU A 52 21.85 -8.75 30.22
CA LEU A 52 21.42 -7.65 29.34
C LEU A 52 21.12 -8.14 27.92
N ILE A 53 20.08 -7.57 27.31
CA ILE A 53 19.69 -7.85 25.95
C ILE A 53 19.42 -6.52 25.23
N GLY A 54 19.96 -6.39 24.00
CA GLY A 54 19.75 -5.26 23.16
C GLY A 54 20.67 -4.09 23.44
N ASP A 55 20.08 -2.89 23.55
CA ASP A 55 20.85 -1.68 23.63
C ASP A 55 21.78 -1.69 24.84
N ALA A 56 21.26 -2.07 26.02
CA ALA A 56 22.13 -2.19 27.23
C ALA A 56 23.30 -3.20 27.14
N ALA A 57 23.10 -4.38 26.56
CA ALA A 57 24.22 -5.25 26.13
C ALA A 57 25.23 -4.60 25.15
N LYS A 58 24.70 -3.94 24.14
CA LYS A 58 25.53 -3.31 23.15
C LYS A 58 26.32 -2.18 23.83
N ASN A 59 25.66 -1.41 24.70
CA ASN A 59 26.18 -0.14 25.26
C ASN A 59 27.32 -0.28 26.24
N GLN A 60 27.27 -1.30 27.09
CA GLN A 60 28.34 -1.61 28.06
C GLN A 60 29.58 -2.23 27.42
N LEU A 61 29.34 -3.08 26.41
CA LEU A 61 30.25 -4.17 25.91
C LEU A 61 31.77 -4.05 26.01
N THR A 62 32.27 -2.81 25.96
CA THR A 62 33.71 -2.53 25.91
C THR A 62 34.39 -2.98 27.20
N SER A 63 33.63 -2.98 28.28
CA SER A 63 34.12 -3.41 29.55
C SER A 63 33.91 -4.91 29.78
N ASN A 64 33.43 -5.64 28.76
CA ASN A 64 32.98 -7.06 28.87
C ASN A 64 33.05 -7.96 27.58
N PRO A 65 34.20 -8.04 26.86
CA PRO A 65 34.22 -8.64 25.49
C PRO A 65 33.99 -10.15 25.49
N GLU A 66 34.42 -10.80 26.57
CA GLU A 66 34.33 -12.22 26.72
C GLU A 66 32.91 -12.70 26.94
N ASN A 67 32.10 -11.88 27.62
CA ASN A 67 30.80 -12.28 28.09
C ASN A 67 29.67 -11.49 27.40
N THR A 68 30.00 -10.82 26.30
CA THR A 68 29.04 -10.12 25.45
C THR A 68 28.90 -10.88 24.16
N VAL A 69 27.67 -11.27 23.82
CA VAL A 69 27.46 -12.19 22.71
C VAL A 69 26.76 -11.49 21.55
N PHE A 70 27.28 -11.66 20.33
CA PHE A 70 26.62 -11.16 19.15
C PHE A 70 26.93 -12.13 18.03
N ASP A 71 26.31 -11.87 16.86
CA ASP A 71 26.49 -12.67 15.66
C ASP A 71 26.20 -14.16 15.86
N ALA A 72 25.20 -14.47 16.69
CA ALA A 72 24.78 -15.87 16.85
C ALA A 72 24.16 -16.45 15.56
N LYS A 73 23.67 -15.54 14.70
CA LYS A 73 23.05 -15.85 13.42
C LYS A 73 24.05 -16.44 12.44
N ARG A 74 25.32 -16.02 12.54
CA ARG A 74 26.43 -16.68 11.81
C ARG A 74 26.59 -18.17 12.17
N LEU A 75 26.08 -18.56 13.34
CA LEU A 75 26.32 -19.91 13.87
C LEU A 75 25.09 -20.79 13.95
N ILE A 76 23.92 -20.18 14.09
CA ILE A 76 22.65 -20.92 14.21
C ILE A 76 22.43 -21.94 13.07
N GLY A 77 21.90 -23.12 13.38
CA GLY A 77 21.64 -24.16 12.36
C GLY A 77 22.86 -24.84 11.78
N ARG A 78 24.02 -24.61 12.40
CA ARG A 78 25.30 -25.10 11.86
C ARG A 78 25.95 -26.06 12.84
N THR A 79 26.79 -26.94 12.33
CA THR A 79 27.54 -27.83 13.20
C THR A 79 28.87 -27.17 13.55
N TRP A 80 29.39 -27.60 14.70
CA TRP A 80 30.73 -27.25 15.16
C TRP A 80 31.76 -27.29 14.01
N ASN A 81 31.85 -28.43 13.35
CA ASN A 81 32.83 -28.61 12.28
C ASN A 81 32.51 -28.02 10.89
N ASP A 82 31.36 -27.34 10.71
CA ASP A 82 31.14 -26.54 9.48
C ASP A 82 32.35 -25.60 9.29
N PRO A 83 33.02 -25.67 8.11
CA PRO A 83 34.17 -24.78 7.85
C PRO A 83 33.86 -23.28 8.06
N SER A 84 32.63 -22.86 7.75
CA SER A 84 32.16 -21.52 8.04
C SER A 84 32.25 -21.15 9.52
N VAL A 85 31.82 -22.07 10.38
CA VAL A 85 31.84 -21.83 11.80
C VAL A 85 33.30 -21.68 12.28
N GLN A 86 34.17 -22.56 11.75
CA GLN A 86 35.57 -22.66 12.12
C GLN A 86 36.33 -21.39 11.75
N GLN A 87 36.03 -20.85 10.56
CA GLN A 87 36.39 -19.48 10.21
C GLN A 87 35.83 -18.40 11.16
N ASP A 88 34.51 -18.33 11.30
CA ASP A 88 33.90 -17.26 12.09
C ASP A 88 34.46 -17.16 13.50
N ILE A 89 34.61 -18.26 14.20
CA ILE A 89 34.95 -18.22 15.65
C ILE A 89 36.37 -17.66 15.92
N LYS A 90 37.21 -17.66 14.90
CA LYS A 90 38.49 -16.99 14.93
C LYS A 90 38.31 -15.53 15.28
N PHE A 91 37.25 -14.92 14.71
CA PHE A 91 37.00 -13.50 14.83
C PHE A 91 36.07 -13.08 15.98
N LEU A 92 35.53 -14.05 16.70
CA LEU A 92 34.56 -13.76 17.76
C LEU A 92 35.26 -13.65 19.07
N PRO A 93 34.90 -12.67 19.92
CA PRO A 93 35.73 -12.56 21.10
C PRO A 93 35.29 -13.43 22.26
N PHE A 94 34.20 -14.19 22.09
CA PHE A 94 33.69 -15.11 23.12
C PHE A 94 34.06 -16.52 22.74
N LYS A 95 34.08 -17.39 23.73
CA LYS A 95 34.38 -18.80 23.58
C LYS A 95 33.24 -19.54 22.95
N VAL A 96 33.63 -20.42 22.04
CA VAL A 96 32.71 -21.33 21.39
C VAL A 96 33.38 -22.70 21.54
N VAL A 97 32.62 -23.68 21.98
CA VAL A 97 33.11 -25.05 22.19
C VAL A 97 32.21 -26.04 21.41
N GLU A 98 32.70 -27.26 21.20
CA GLU A 98 31.88 -28.32 20.63
C GLU A 98 31.00 -28.95 21.71
N LYS A 99 29.70 -28.98 21.46
CA LYS A 99 28.76 -29.60 22.39
C LYS A 99 27.58 -30.07 21.61
N LYS A 100 27.27 -31.37 21.78
CA LYS A 100 26.23 -32.05 21.02
C LYS A 100 26.36 -31.77 19.53
N THR A 101 27.61 -31.85 19.01
CA THR A 101 27.91 -31.65 17.57
C THR A 101 27.78 -30.20 17.10
N LYS A 102 27.36 -29.30 17.99
CA LYS A 102 27.05 -27.90 17.64
C LYS A 102 28.07 -26.89 18.26
N PRO A 103 28.11 -25.65 17.70
CA PRO A 103 28.97 -24.62 18.31
C PRO A 103 28.20 -23.94 19.44
N TYR A 104 28.53 -24.26 20.69
CA TYR A 104 27.87 -23.67 21.83
C TYR A 104 28.71 -22.49 22.30
N ILE A 105 28.05 -21.43 22.75
CA ILE A 105 28.72 -20.24 23.32
C ILE A 105 28.95 -20.44 24.80
N GLN A 106 30.19 -20.27 25.26
CA GLN A 106 30.49 -20.31 26.71
C GLN A 106 30.86 -18.95 27.30
N VAL A 107 30.06 -18.55 28.28
CA VAL A 107 30.29 -17.27 28.93
C VAL A 107 30.36 -17.43 30.43
N ASP A 108 30.94 -16.43 31.07
CA ASP A 108 30.92 -16.31 32.51
C ASP A 108 29.63 -15.52 32.88
N ILE A 109 28.70 -16.22 33.46
CA ILE A 109 27.37 -15.71 33.76
C ILE A 109 27.35 -14.70 34.96
N GLY A 110 28.50 -14.54 35.62
CA GLY A 110 28.61 -13.75 36.83
C GLY A 110 29.30 -14.49 37.97
N GLY A 111 30.30 -13.84 38.59
CA GLY A 111 31.02 -14.39 39.72
C GLY A 111 31.80 -15.66 39.37
N GLY A 112 32.21 -15.78 38.12
CA GLY A 112 32.96 -16.96 37.68
C GLY A 112 32.12 -18.18 37.32
N GLN A 113 30.80 -18.03 37.34
CA GLN A 113 29.90 -19.13 36.98
C GLN A 113 29.80 -19.25 35.47
N THR A 114 30.13 -20.42 34.97
CA THR A 114 30.29 -20.70 33.56
C THR A 114 29.04 -21.43 33.06
N LYS A 115 28.53 -20.98 31.91
CA LYS A 115 27.37 -21.63 31.24
C LYS A 115 27.57 -21.75 29.74
N THR A 116 26.98 -22.79 29.11
CA THR A 116 26.94 -22.88 27.63
C THR A 116 25.55 -22.67 27.04
N PHE A 117 25.53 -22.02 25.90
CA PHE A 117 24.27 -21.77 25.21
C PHE A 117 24.38 -22.18 23.77
N ALA A 118 23.43 -22.96 23.30
CA ALA A 118 23.30 -23.18 21.86
C ALA A 118 23.06 -21.83 21.19
N PRO A 119 23.49 -21.66 19.93
CA PRO A 119 23.21 -20.44 19.22
C PRO A 119 21.69 -20.07 19.20
N GLU A 120 20.81 -21.04 19.33
CA GLU A 120 19.39 -20.77 19.20
C GLU A 120 18.85 -20.32 20.54
N GLU A 121 19.58 -20.65 21.61
CA GLU A 121 19.37 -20.11 22.95
C GLU A 121 19.65 -18.63 23.10
N ILE A 122 20.72 -18.16 22.46
CA ILE A 122 21.13 -16.76 22.42
C ILE A 122 20.09 -15.96 21.58
N SER A 123 19.76 -16.44 20.39
CA SER A 123 18.70 -15.85 19.54
C SER A 123 17.33 -15.87 20.20
N ALA A 124 17.03 -16.90 20.98
CA ALA A 124 15.83 -16.93 21.81
C ALA A 124 15.78 -15.78 22.82
N MET A 125 16.93 -15.34 23.32
CA MET A 125 16.98 -14.25 24.26
C MET A 125 16.67 -12.94 23.56
N VAL A 126 17.28 -12.75 22.41
CA VAL A 126 16.91 -11.67 21.53
C VAL A 126 15.40 -11.67 21.15
N LEU A 127 14.90 -12.81 20.64
CA LEU A 127 13.50 -12.97 20.34
C LEU A 127 12.58 -12.68 21.54
N THR A 128 13.05 -12.99 22.76
CA THR A 128 12.31 -12.68 24.00
C THR A 128 12.26 -11.18 24.21
N LYS A 129 13.39 -10.52 23.90
CA LYS A 129 13.40 -9.07 23.94
C LYS A 129 12.41 -8.47 22.94
N MET A 130 12.39 -8.93 21.69
CA MET A 130 11.41 -8.45 20.68
C MET A 130 9.97 -8.65 21.15
N LYS A 131 9.68 -9.80 21.76
CA LYS A 131 8.36 -10.18 22.28
C LYS A 131 7.85 -9.26 23.39
N GLU A 132 8.75 -8.92 24.33
CA GLU A 132 8.44 -7.93 25.38
C GLU A 132 8.23 -6.51 24.86
N THR A 133 9.06 -6.10 23.92
CA THR A 133 8.88 -4.86 23.19
C THR A 133 7.44 -4.79 22.60
N ALA A 134 7.06 -5.85 21.87
CA ALA A 134 5.72 -5.92 21.25
C ALA A 134 4.58 -5.90 22.29
N GLU A 135 4.75 -6.68 23.34
CA GLU A 135 3.72 -6.89 24.32
C GLU A 135 3.48 -5.62 25.14
N ALA A 136 4.54 -4.82 25.35
CA ALA A 136 4.41 -3.59 26.11
C ALA A 136 3.61 -2.61 25.28
N TYR A 137 3.92 -2.54 23.98
CA TYR A 137 3.13 -1.76 23.00
C TYR A 137 1.62 -2.14 22.96
N LEU A 138 1.36 -3.43 22.82
CA LEU A 138 0.01 -3.97 22.65
C LEU A 138 -0.80 -4.01 23.94
N GLY A 139 -0.10 -3.94 25.08
CA GLY A 139 -0.66 -4.14 26.41
C GLY A 139 -1.21 -5.54 26.64
N LYS A 140 -0.70 -6.52 25.90
CA LYS A 140 -1.15 -7.93 26.04
C LYS A 140 -0.02 -8.92 25.65
N LYS A 141 -0.15 -10.16 26.09
CA LYS A 141 0.78 -11.23 25.79
C LYS A 141 0.70 -11.63 24.30
N VAL A 142 1.84 -12.04 23.76
CA VAL A 142 1.90 -12.42 22.34
C VAL A 142 2.39 -13.86 22.35
N THR A 143 1.79 -14.69 21.49
CA THR A 143 2.10 -16.13 21.46
C THR A 143 2.64 -16.61 20.11
N HIS A 144 2.38 -15.82 19.07
CA HIS A 144 2.65 -16.18 17.68
C HIS A 144 3.39 -15.11 16.91
N ALA A 145 4.21 -15.54 15.96
CA ALA A 145 5.14 -14.66 15.25
C ALA A 145 5.35 -15.09 13.77
N VAL A 146 5.61 -14.13 12.90
CA VAL A 146 6.20 -14.42 11.59
C VAL A 146 7.65 -14.01 11.74
N VAL A 147 8.59 -14.87 11.34
CA VAL A 147 10.03 -14.56 11.50
C VAL A 147 10.76 -14.69 10.16
N THR A 148 11.63 -13.75 9.86
CA THR A 148 12.33 -13.77 8.58
C THR A 148 13.74 -14.37 8.70
N VAL A 149 14.25 -14.92 7.60
CA VAL A 149 15.60 -15.49 7.52
C VAL A 149 16.18 -15.13 6.18
N PRO A 150 17.50 -15.19 6.06
CA PRO A 150 18.08 -14.98 4.72
C PRO A 150 17.59 -16.01 3.71
N ALA A 151 17.54 -15.64 2.43
CA ALA A 151 17.09 -16.56 1.36
C ALA A 151 17.98 -17.81 1.22
N TYR A 152 19.28 -17.64 1.49
CA TYR A 152 20.24 -18.75 1.43
C TYR A 152 20.18 -19.70 2.67
N PHE A 153 19.37 -19.38 3.68
CA PHE A 153 19.21 -20.32 4.84
C PHE A 153 18.68 -21.70 4.40
N ASN A 154 19.33 -22.77 4.87
CA ASN A 154 18.99 -24.18 4.58
C ASN A 154 17.98 -24.76 5.59
N ASP A 155 17.63 -26.05 5.52
CA ASP A 155 16.68 -26.66 6.44
C ASP A 155 17.00 -26.56 7.93
N ALA A 156 18.23 -26.87 8.32
CA ALA A 156 18.65 -26.80 9.74
C ALA A 156 18.63 -25.36 10.25
N GLN A 157 19.12 -24.41 9.47
CA GLN A 157 19.10 -22.95 9.87
C GLN A 157 17.67 -22.39 10.04
N ARG A 158 16.76 -22.83 9.16
CA ARG A 158 15.34 -22.50 9.32
C ARG A 158 14.76 -23.17 10.58
N GLN A 159 15.07 -24.46 10.81
CA GLN A 159 14.50 -25.15 11.98
C GLN A 159 15.05 -24.53 13.29
N ALA A 160 16.36 -24.26 13.31
CA ALA A 160 16.96 -23.66 14.50
C ALA A 160 16.37 -22.27 14.85
N THR A 161 15.86 -21.56 13.85
CA THR A 161 15.24 -20.24 14.08
C THR A 161 13.86 -20.39 14.68
N LYS A 162 13.11 -21.37 14.18
CA LYS A 162 11.84 -21.83 14.75
C LYS A 162 11.99 -22.23 16.21
N ASP A 163 12.98 -23.11 16.44
CA ASP A 163 13.43 -23.53 17.79
C ASP A 163 13.75 -22.37 18.74
N ALA A 164 14.45 -21.35 18.25
CA ALA A 164 14.79 -20.16 19.05
C ALA A 164 13.52 -19.48 19.47
N GLY A 165 12.54 -19.48 18.55
CA GLY A 165 11.19 -18.96 18.83
C GLY A 165 10.46 -19.73 19.91
N THR A 166 10.45 -21.07 19.78
CA THR A 166 9.88 -21.97 20.82
C THR A 166 10.50 -21.75 22.18
N ILE A 167 11.83 -21.58 22.24
CA ILE A 167 12.48 -21.23 23.53
C ILE A 167 11.88 -19.89 24.06
N ALA A 168 11.74 -18.92 23.15
CA ALA A 168 11.27 -17.57 23.50
C ALA A 168 9.76 -17.47 23.79
N GLY A 169 9.07 -18.59 23.82
CA GLY A 169 7.63 -18.60 24.06
C GLY A 169 6.86 -18.21 22.82
N LEU A 170 7.51 -18.35 21.64
CA LEU A 170 6.88 -17.94 20.38
C LEU A 170 6.62 -19.11 19.43
N ASN A 171 5.37 -19.21 18.97
CA ASN A 171 5.08 -20.16 17.92
C ASN A 171 5.32 -19.41 16.62
N VAL A 172 6.39 -19.80 15.91
CA VAL A 172 6.78 -19.19 14.64
C VAL A 172 5.97 -19.83 13.50
N MET A 173 4.84 -19.22 13.17
CA MET A 173 3.87 -19.79 12.23
C MET A 173 4.38 -19.86 10.83
N ARG A 174 5.21 -18.87 10.45
CA ARG A 174 5.73 -18.73 9.11
C ARG A 174 7.18 -18.31 9.28
N ILE A 175 8.08 -18.95 8.55
CA ILE A 175 9.43 -18.44 8.31
C ILE A 175 9.37 -17.93 6.90
N ILE A 176 9.72 -16.65 6.70
CA ILE A 176 9.71 -16.00 5.39
C ILE A 176 11.14 -15.57 4.99
N ASN A 177 11.49 -15.56 3.70
CA ASN A 177 12.79 -14.98 3.33
C ASN A 177 12.82 -13.46 3.47
N GLU A 178 13.89 -12.94 4.10
CA GLU A 178 14.10 -11.49 4.25
C GLU A 178 13.83 -10.66 2.97
N PRO A 179 14.41 -11.04 1.84
CA PRO A 179 14.16 -10.20 0.65
C PRO A 179 12.74 -10.24 0.10
N THR A 180 12.04 -11.35 0.27
CA THR A 180 10.61 -11.45 -0.03
C THR A 180 9.79 -10.52 0.89
N ALA A 181 10.11 -10.54 2.20
CA ALA A 181 9.44 -9.64 3.19
C ALA A 181 9.59 -8.19 2.79
N ALA A 182 10.83 -7.77 2.50
CA ALA A 182 11.05 -6.46 1.90
C ALA A 182 10.14 -6.09 0.70
N ALA A 183 10.02 -7.01 -0.25
CA ALA A 183 9.14 -6.83 -1.44
C ALA A 183 7.67 -6.62 -1.06
N ILE A 184 7.18 -7.44 -0.11
CA ILE A 184 5.83 -7.44 0.46
C ILE A 184 5.46 -6.07 1.09
N ALA A 185 6.46 -5.52 1.81
CA ALA A 185 6.38 -4.22 2.48
C ALA A 185 6.06 -3.13 1.47
N TYR A 186 6.66 -3.28 0.28
CA TYR A 186 6.41 -2.38 -0.84
C TYR A 186 5.21 -2.71 -1.74
N GLY A 187 4.45 -3.73 -1.38
CA GLY A 187 3.25 -4.12 -2.15
C GLY A 187 3.52 -4.80 -3.47
N LEU A 188 4.76 -5.22 -3.71
CA LEU A 188 5.16 -5.79 -5.01
C LEU A 188 4.57 -7.18 -5.29
N ASP A 189 4.04 -7.82 -4.25
CA ASP A 189 3.42 -9.12 -4.41
C ASP A 189 2.01 -9.00 -4.97
N LYS A 190 1.42 -7.81 -4.86
CA LYS A 190 0.10 -7.56 -5.44
C LYS A 190 0.18 -7.55 -6.97
N ARG A 191 1.09 -6.73 -7.51
CA ARG A 191 1.25 -6.45 -8.95
C ARG A 191 1.07 -7.63 -9.92
N GLU A 192 0.35 -7.39 -11.02
CA GLU A 192 -0.02 -8.45 -11.96
C GLU A 192 0.97 -8.70 -13.08
N GLY A 193 1.15 -9.97 -13.43
CA GLY A 193 2.10 -10.37 -14.46
C GLY A 193 3.40 -10.71 -13.79
N GLU A 194 4.36 -11.22 -14.57
CA GLU A 194 5.69 -11.60 -14.08
C GLU A 194 6.70 -10.43 -13.95
N LYS A 195 7.26 -10.23 -12.76
CA LYS A 195 8.34 -9.24 -12.54
C LYS A 195 9.60 -9.86 -11.89
N ASN A 196 10.76 -9.33 -12.31
CA ASN A 196 12.05 -9.63 -11.69
C ASN A 196 12.39 -8.48 -10.74
N ILE A 197 12.72 -8.85 -9.51
CA ILE A 197 13.02 -7.93 -8.43
C ILE A 197 14.43 -8.18 -7.95
N LEU A 198 15.21 -7.11 -7.97
CA LEU A 198 16.50 -7.18 -7.32
C LEU A 198 16.44 -6.54 -5.92
N VAL A 199 16.75 -7.33 -4.90
CA VAL A 199 16.88 -6.80 -3.55
C VAL A 199 18.35 -6.67 -3.13
N PHE A 200 18.69 -5.50 -2.63
CA PHE A 200 20.07 -5.11 -2.31
C PHE A 200 20.05 -4.76 -0.85
N ASP A 201 20.66 -5.61 0.01
CA ASP A 201 20.51 -5.56 1.47
C ASP A 201 21.88 -5.41 2.15
N LEU A 202 22.21 -4.18 2.47
CA LEU A 202 23.48 -3.79 3.01
C LEU A 202 23.28 -3.51 4.52
N GLY A 203 23.51 -4.55 5.33
CA GLY A 203 23.26 -4.45 6.76
C GLY A 203 24.48 -3.95 7.53
N GLY A 204 24.46 -4.21 8.83
CA GLY A 204 25.58 -3.77 9.69
C GLY A 204 26.79 -4.69 9.58
N GLY A 205 26.58 -5.93 9.16
CA GLY A 205 27.73 -6.80 9.03
C GLY A 205 27.77 -7.76 7.86
N THR A 206 26.73 -7.72 7.02
CA THR A 206 26.54 -8.68 5.95
C THR A 206 25.88 -7.97 4.78
N PHE A 207 26.23 -8.41 3.57
CA PHE A 207 25.71 -7.83 2.39
C PHE A 207 24.98 -8.92 1.61
N ASP A 208 23.67 -8.75 1.43
CA ASP A 208 22.88 -9.74 0.68
C ASP A 208 22.16 -9.15 -0.55
N VAL A 209 22.38 -9.78 -1.71
CA VAL A 209 21.71 -9.44 -2.96
C VAL A 209 20.89 -10.65 -3.39
N SER A 210 19.65 -10.43 -3.79
CA SER A 210 18.75 -11.53 -4.14
C SER A 210 17.97 -11.20 -5.41
N LEU A 211 17.92 -12.14 -6.35
CA LEU A 211 17.03 -12.01 -7.50
C LEU A 211 15.74 -12.76 -7.19
N LEU A 212 14.64 -12.02 -7.15
CA LEU A 212 13.35 -12.60 -6.92
C LEU A 212 12.51 -12.54 -8.16
N THR A 213 11.62 -13.52 -8.28
CA THR A 213 10.59 -13.49 -9.29
C THR A 213 9.19 -13.47 -8.63
N ILE A 214 8.36 -12.50 -9.02
CA ILE A 214 6.95 -12.51 -8.65
C ILE A 214 6.09 -12.86 -9.86
N ASP A 215 5.13 -13.77 -9.64
CA ASP A 215 4.14 -14.15 -10.62
C ASP A 215 2.88 -14.56 -9.84
N ASN A 216 1.81 -13.78 -10.00
CA ASN A 216 0.52 -13.95 -9.26
C ASN A 216 0.69 -14.00 -7.74
N GLY A 217 1.46 -13.04 -7.19
CA GLY A 217 1.77 -13.07 -5.77
C GLY A 217 2.56 -14.24 -5.21
N VAL A 218 3.05 -15.14 -6.10
CA VAL A 218 4.04 -16.18 -5.71
C VAL A 218 5.51 -15.78 -6.04
N PHE A 219 6.34 -15.71 -4.98
CA PHE A 219 7.76 -15.38 -5.09
C PHE A 219 8.64 -16.62 -5.32
N GLU A 220 9.62 -16.48 -6.22
CA GLU A 220 10.69 -17.46 -6.32
C GLU A 220 12.02 -16.71 -6.25
N VAL A 221 12.89 -17.22 -5.40
CA VAL A 221 14.28 -16.76 -5.33
C VAL A 221 15.05 -17.52 -6.41
N VAL A 222 15.63 -16.76 -7.33
CA VAL A 222 16.37 -17.32 -8.44
C VAL A 222 17.86 -17.42 -8.12
N ALA A 223 18.41 -16.41 -7.50
CA ALA A 223 19.83 -16.33 -7.27
C ALA A 223 20.10 -15.40 -6.09
N THR A 224 21.02 -15.81 -5.24
CA THR A 224 21.52 -14.96 -4.17
C THR A 224 23.03 -14.76 -4.34
N ASN A 225 23.51 -13.53 -4.09
CA ASN A 225 24.95 -13.34 -3.80
C ASN A 225 25.21 -12.38 -2.61
N GLY A 226 26.31 -11.62 -2.67
CA GLY A 226 26.69 -10.69 -1.58
C GLY A 226 28.05 -10.97 -0.97
N ASP A 227 28.26 -10.54 0.27
CA ASP A 227 29.51 -10.76 1.01
C ASP A 227 29.18 -10.96 2.48
N THR A 228 29.47 -12.15 3.02
CA THR A 228 29.09 -12.47 4.41
C THR A 228 29.69 -11.51 5.45
N HIS A 229 30.82 -10.87 5.11
CA HIS A 229 31.52 -10.02 6.08
C HIS A 229 31.76 -8.61 5.58
N LEU A 230 30.71 -8.04 5.03
CA LEU A 230 30.72 -6.64 4.60
C LEU A 230 29.47 -5.95 5.11
N GLY A 231 29.67 -4.81 5.77
CA GLY A 231 28.56 -3.94 6.13
C GLY A 231 28.97 -2.57 6.58
N GLY A 232 27.99 -1.84 7.13
CA GLY A 232 28.18 -0.51 7.67
C GLY A 232 29.26 -0.38 8.73
N GLU A 233 29.40 -1.42 9.55
CA GLU A 233 30.45 -1.51 10.56
C GLU A 233 31.85 -1.47 10.01
N ASP A 234 32.01 -2.04 8.81
CA ASP A 234 33.23 -1.97 8.05
C ASP A 234 33.48 -0.54 7.62
N PHE A 235 32.40 0.20 7.33
CA PHE A 235 32.53 1.64 7.07
C PHE A 235 32.92 2.44 8.34
N ASP A 236 32.38 2.07 9.50
CA ASP A 236 32.83 2.68 10.78
C ASP A 236 34.35 2.50 11.01
N GLN A 237 34.81 1.24 10.91
CA GLN A 237 36.22 0.85 11.08
C GLN A 237 37.18 1.69 10.25
N ARG A 238 36.85 1.91 8.99
CA ARG A 238 37.65 2.73 8.10
C ARG A 238 37.89 4.13 8.65
N VAL A 239 36.85 4.68 9.28
CA VAL A 239 36.82 6.05 9.80
C VAL A 239 37.58 6.19 11.15
N MET A 240 37.48 5.19 12.00
CA MET A 240 38.37 5.06 13.14
C MET A 240 39.84 5.07 12.71
N GLU A 241 40.23 4.13 11.85
CA GLU A 241 41.63 4.04 11.40
C GLU A 241 42.17 5.38 10.88
N HIS A 242 41.30 6.16 10.24
CA HIS A 242 41.64 7.52 9.78
C HIS A 242 41.93 8.51 10.94
N PHE A 243 41.18 8.37 12.04
CA PHE A 243 41.31 9.35 13.10
C PHE A 243 42.44 8.96 14.05
N ILE A 244 42.54 7.66 14.32
CA ILE A 244 43.61 7.06 15.11
C ILE A 244 44.92 7.36 14.46
N LYS A 245 44.96 7.24 13.13
CA LYS A 245 46.09 7.73 12.34
C LYS A 245 46.35 9.24 12.44
N LEU A 246 45.30 10.06 12.35
CA LEU A 246 45.47 11.52 12.50
C LEU A 246 45.94 11.91 13.92
N TYR A 247 45.45 11.19 14.93
CA TYR A 247 45.88 11.35 16.32
C TYR A 247 47.35 10.94 16.54
N LYS A 248 47.72 9.74 16.07
CA LYS A 248 49.12 9.26 16.05
C LYS A 248 50.01 10.10 15.13
N LYS A 249 49.62 11.35 14.90
CA LYS A 249 50.33 12.23 14.02
C LYS A 249 50.34 13.62 14.62
N LYS A 250 49.27 13.95 15.33
CA LYS A 250 49.12 15.27 15.92
C LYS A 250 49.64 15.31 17.36
N THR A 251 49.85 14.12 17.95
CA THR A 251 50.28 14.03 19.35
C THR A 251 51.47 13.08 19.57
N GLY A 252 51.60 12.07 18.72
CA GLY A 252 52.60 11.04 18.89
C GLY A 252 52.02 9.84 19.63
N LYS A 253 50.90 10.07 20.35
CA LYS A 253 50.23 9.04 21.16
C LYS A 253 49.52 8.00 20.29
N ASP A 254 49.27 6.82 20.87
CA ASP A 254 48.57 5.77 20.14
C ASP A 254 47.37 5.26 20.90
N VAL A 255 46.20 5.73 20.45
CA VAL A 255 44.88 5.40 21.01
C VAL A 255 44.61 3.92 21.28
N ARG A 256 45.18 3.02 20.48
CA ARG A 256 44.93 1.58 20.65
C ARG A 256 45.43 0.93 21.98
N LYS A 257 46.41 1.56 22.65
CA LYS A 257 46.83 1.14 24.00
C LYS A 257 45.68 1.17 24.98
N ASP A 258 44.73 2.08 24.73
CA ASP A 258 43.51 2.20 25.52
C ASP A 258 42.29 1.89 24.65
N ASN A 259 41.60 0.80 24.99
CA ASN A 259 40.44 0.34 24.21
C ASN A 259 39.26 1.26 24.44
N ARG A 260 39.18 1.79 25.67
CA ARG A 260 38.10 2.65 26.11
C ARG A 260 38.11 3.93 25.29
N ALA A 261 39.30 4.38 24.91
CA ALA A 261 39.49 5.49 23.99
C ALA A 261 39.03 5.11 22.58
N VAL A 262 39.40 3.90 22.16
CA VAL A 262 39.13 3.39 20.82
C VAL A 262 37.64 3.20 20.66
N GLN A 263 36.99 2.64 21.68
CA GLN A 263 35.55 2.49 21.70
C GLN A 263 34.77 3.84 21.69
N LYS A 264 35.25 4.81 22.47
CA LYS A 264 34.58 6.12 22.51
C LYS A 264 34.62 6.79 21.13
N LEU A 265 35.71 6.57 20.41
CA LEU A 265 35.83 6.98 19.01
C LEU A 265 34.79 6.28 18.15
N ARG A 266 34.56 5.00 18.43
CA ARG A 266 33.65 4.14 17.67
C ARG A 266 32.23 4.63 17.78
N ARG A 267 31.86 4.98 19.01
CA ARG A 267 30.53 5.53 19.31
C ARG A 267 30.24 6.83 18.56
N GLU A 268 31.21 7.73 18.58
CA GLU A 268 31.10 9.03 17.89
C GLU A 268 31.14 8.96 16.34
N VAL A 269 31.87 7.96 15.84
CA VAL A 269 31.98 7.71 14.40
C VAL A 269 30.63 7.21 13.85
N GLU A 270 30.06 6.21 14.51
CA GLU A 270 28.71 5.73 14.26
C GLU A 270 27.66 6.84 14.06
N LYS A 271 27.64 7.83 14.96
CA LYS A 271 26.71 8.95 14.95
C LYS A 271 27.00 9.95 13.85
N ALA A 272 28.30 10.19 13.62
CA ALA A 272 28.78 10.99 12.49
C ALA A 272 28.35 10.37 11.16
N LYS A 273 28.61 9.07 10.99
CA LYS A 273 28.15 8.29 9.83
C LYS A 273 26.65 8.44 9.52
N ARG A 274 25.82 8.27 10.55
CA ARG A 274 24.38 8.49 10.43
C ARG A 274 24.05 9.95 10.06
N ALA A 275 24.71 10.92 10.71
CA ALA A 275 24.56 12.35 10.37
C ALA A 275 24.90 12.63 8.92
N LEU A 276 26.00 12.08 8.41
CA LEU A 276 26.44 12.39 7.04
C LEU A 276 25.46 11.95 5.93
N SER A 277 24.44 11.17 6.28
CA SER A 277 23.41 10.75 5.32
C SER A 277 22.46 11.91 5.05
N SER A 278 22.30 12.77 6.07
CA SER A 278 21.48 13.98 6.01
C SER A 278 22.28 15.29 5.88
N GLN A 279 23.39 15.41 6.61
CA GLN A 279 24.25 16.62 6.61
C GLN A 279 25.54 16.41 5.77
N HIS A 280 26.27 17.48 5.46
CA HIS A 280 27.53 17.38 4.71
C HIS A 280 28.81 17.38 5.57
N GLN A 281 28.66 17.65 6.87
CA GLN A 281 29.76 17.58 7.82
C GLN A 281 29.22 17.14 9.17
N ALA A 282 30.06 16.50 9.97
CA ALA A 282 29.69 16.04 11.30
C ALA A 282 30.86 16.24 12.24
N ARG A 283 30.57 16.57 13.49
CA ARG A 283 31.64 16.88 14.44
C ARG A 283 31.83 15.72 15.40
N ILE A 284 33.09 15.32 15.54
CA ILE A 284 33.44 14.21 16.40
C ILE A 284 34.21 14.83 17.56
N GLU A 285 33.58 14.74 18.75
CA GLU A 285 34.07 15.43 19.92
C GLU A 285 34.01 14.47 21.11
N ILE A 286 35.19 14.17 21.65
CA ILE A 286 35.35 13.23 22.76
C ILE A 286 36.12 13.95 23.85
N GLU A 287 35.46 14.15 24.98
CA GLU A 287 36.06 14.84 26.10
C GLU A 287 36.83 13.78 26.86
N SER A 288 38.06 14.11 27.24
CA SER A 288 38.91 13.21 28.06
C SER A 288 39.14 11.87 27.33
N PHE A 289 39.63 11.99 26.10
CA PHE A 289 39.75 10.90 25.12
C PHE A 289 40.98 9.96 25.29
N TYR A 290 42.17 10.56 25.44
CA TYR A 290 43.37 9.78 25.74
C TYR A 290 44.24 10.59 26.71
N GLU A 291 44.43 10.01 27.90
CA GLU A 291 45.25 10.56 28.99
C GLU A 291 44.79 11.96 29.41
N GLY A 292 43.47 12.09 29.58
CA GLY A 292 42.84 13.33 30.02
C GLY A 292 42.63 14.36 28.93
N GLU A 293 43.24 14.13 27.78
CA GLU A 293 43.24 15.10 26.67
C GLU A 293 42.01 14.92 25.80
N ASP A 294 41.62 15.97 25.09
CA ASP A 294 40.34 16.01 24.38
C ASP A 294 40.47 15.75 22.87
N PHE A 295 39.46 15.07 22.34
CA PHE A 295 39.29 14.91 20.90
C PHE A 295 38.25 15.88 20.32
N SER A 296 38.70 16.76 19.45
CA SER A 296 37.82 17.42 18.51
C SER A 296 38.39 17.25 17.11
N GLU A 297 37.60 16.64 16.22
CA GLU A 297 37.81 16.71 14.77
C GLU A 297 36.46 16.66 14.06
N THR A 298 36.44 17.09 12.80
CA THR A 298 35.20 17.22 12.05
C THR A 298 35.29 16.46 10.74
N LEU A 299 34.37 15.50 10.56
CA LEU A 299 34.32 14.69 9.33
C LEU A 299 33.35 15.23 8.28
N THR A 300 33.88 15.39 7.07
CA THR A 300 33.09 15.78 5.90
C THR A 300 32.57 14.53 5.23
N ARG A 301 31.49 14.71 4.47
CA ARG A 301 30.88 13.64 3.74
C ARG A 301 31.80 13.18 2.63
N ALA A 302 32.40 14.16 1.94
CA ALA A 302 33.41 13.88 0.93
C ALA A 302 34.55 12.98 1.43
N LYS A 303 34.99 13.22 2.68
CA LYS A 303 36.04 12.40 3.30
C LYS A 303 35.56 10.99 3.65
N PHE A 304 34.39 10.92 4.30
CA PHE A 304 33.75 9.65 4.63
C PHE A 304 33.75 8.76 3.38
N GLU A 305 33.32 9.35 2.26
CA GLU A 305 33.15 8.64 1.00
C GLU A 305 34.48 8.14 0.44
N GLU A 306 35.45 9.04 0.33
CA GLU A 306 36.83 8.67 -0.08
C GLU A 306 37.39 7.54 0.77
N LEU A 307 37.17 7.62 2.09
CA LEU A 307 37.65 6.56 2.99
C LEU A 307 37.01 5.21 2.70
N ASN A 308 35.89 5.23 2.00
CA ASN A 308 35.09 4.02 1.83
C ASN A 308 34.79 3.62 0.39
N MET A 309 35.35 4.36 -0.55
CA MET A 309 34.92 4.28 -1.96
C MET A 309 35.08 2.91 -2.61
N ASP A 310 36.17 2.24 -2.29
CA ASP A 310 36.45 0.92 -2.80
C ASP A 310 35.47 -0.11 -2.22
N LEU A 311 35.04 0.13 -0.98
CA LEU A 311 34.12 -0.78 -0.33
C LEU A 311 32.74 -0.60 -0.92
N PHE A 312 32.33 0.65 -1.07
CA PHE A 312 31.08 1.02 -1.76
C PHE A 312 31.03 0.41 -3.16
N ARG A 313 32.11 0.60 -3.93
CA ARG A 313 32.21 0.03 -5.29
C ARG A 313 32.18 -1.49 -5.36
N SER A 314 32.78 -2.15 -4.36
CA SER A 314 32.71 -3.64 -4.33
C SER A 314 31.31 -4.25 -4.17
N THR A 315 30.32 -3.48 -3.72
CA THR A 315 28.92 -3.95 -3.66
C THR A 315 28.29 -4.30 -5.02
N MET A 316 28.81 -3.69 -6.10
CA MET A 316 28.27 -3.91 -7.46
C MET A 316 28.56 -5.27 -8.07
N LYS A 317 29.61 -5.93 -7.59
CA LYS A 317 30.06 -7.20 -8.17
C LYS A 317 29.15 -8.42 -7.83
N PRO A 318 28.65 -8.51 -6.57
CA PRO A 318 27.59 -9.45 -6.32
C PRO A 318 26.31 -9.25 -7.17
N VAL A 319 25.97 -7.99 -7.47
CA VAL A 319 24.78 -7.64 -8.28
C VAL A 319 24.94 -8.16 -9.71
N GLN A 320 26.17 -8.08 -10.22
CA GLN A 320 26.50 -8.58 -11.56
C GLN A 320 26.43 -10.11 -11.59
N LYS A 321 26.97 -10.76 -10.57
CA LYS A 321 26.97 -12.22 -10.47
C LYS A 321 25.55 -12.83 -10.36
N VAL A 322 24.73 -12.22 -9.51
CA VAL A 322 23.32 -12.56 -9.34
C VAL A 322 22.61 -12.52 -10.70
N LEU A 323 22.84 -11.48 -11.49
CA LEU A 323 22.17 -11.32 -12.81
C LEU A 323 22.61 -12.42 -13.76
N GLU A 324 23.92 -12.66 -13.80
CA GLU A 324 24.55 -13.71 -14.59
C GLU A 324 24.00 -15.11 -14.24
N ASP A 325 23.99 -15.45 -12.94
CA ASP A 325 23.48 -16.75 -12.45
C ASP A 325 21.98 -16.94 -12.72
N SER A 326 21.26 -15.85 -12.95
CA SER A 326 19.82 -15.94 -13.26
C SER A 326 19.45 -15.66 -14.75
N ASP A 327 20.48 -15.50 -15.59
CA ASP A 327 20.36 -15.32 -17.05
C ASP A 327 19.62 -14.04 -17.46
N LEU A 328 19.69 -13.03 -16.59
CA LEU A 328 19.08 -11.75 -16.84
C LEU A 328 20.13 -10.65 -17.04
N LYS A 329 19.70 -9.56 -17.65
CA LYS A 329 20.55 -8.40 -17.78
C LYS A 329 19.94 -7.21 -17.00
N LYS A 330 20.61 -6.05 -17.03
CA LYS A 330 20.14 -4.90 -16.23
C LYS A 330 18.70 -4.51 -16.56
N SER A 331 18.41 -4.43 -17.86
CA SER A 331 17.08 -4.15 -18.40
C SER A 331 16.01 -5.07 -17.85
N ASP A 332 16.37 -6.30 -17.52
CA ASP A 332 15.38 -7.28 -17.02
C ASP A 332 14.79 -6.99 -15.64
N ILE A 333 15.36 -6.02 -14.93
CA ILE A 333 14.95 -5.65 -13.56
C ILE A 333 13.87 -4.60 -13.57
N ASP A 334 12.71 -4.99 -13.02
CA ASP A 334 11.51 -4.17 -13.01
C ASP A 334 11.42 -3.43 -11.70
N GLU A 335 12.04 -4.00 -10.66
CA GLU A 335 12.00 -3.41 -9.29
C GLU A 335 13.32 -3.58 -8.53
N ILE A 336 13.77 -2.47 -7.94
CA ILE A 336 14.95 -2.43 -7.06
C ILE A 336 14.53 -2.09 -5.61
N VAL A 337 14.73 -3.01 -4.69
CA VAL A 337 14.45 -2.72 -3.28
C VAL A 337 15.74 -2.63 -2.44
N LEU A 338 15.97 -1.45 -1.87
CA LEU A 338 17.07 -1.24 -0.87
C LEU A 338 16.68 -1.57 0.58
N VAL A 339 17.50 -2.38 1.25
CA VAL A 339 17.24 -2.81 2.63
C VAL A 339 18.54 -2.66 3.42
N GLY A 340 18.48 -2.41 4.72
CA GLY A 340 19.67 -2.15 5.50
C GLY A 340 19.92 -0.68 5.72
N GLY A 341 20.34 -0.33 6.93
CA GLY A 341 20.66 1.03 7.31
C GLY A 341 21.69 1.71 6.44
N SER A 342 22.63 0.96 5.91
CA SER A 342 23.68 1.51 5.06
C SER A 342 23.17 1.99 3.70
N THR A 343 21.98 1.56 3.28
CA THR A 343 21.52 1.95 1.94
C THR A 343 21.03 3.41 1.92
N ARG A 344 20.84 3.99 3.12
CA ARG A 344 20.62 5.44 3.33
C ARG A 344 21.84 6.29 3.04
N ILE A 345 23.03 5.67 2.97
CA ILE A 345 24.22 6.39 2.54
C ILE A 345 23.99 6.93 1.11
N PRO A 346 23.97 8.28 0.94
CA PRO A 346 23.72 8.93 -0.36
C PRO A 346 24.54 8.35 -1.51
N LYS A 347 25.84 8.06 -1.25
CA LYS A 347 26.75 7.49 -2.27
C LYS A 347 26.42 6.05 -2.71
N ILE A 348 25.97 5.23 -1.77
CA ILE A 348 25.51 3.90 -2.12
C ILE A 348 24.23 3.98 -3.01
N GLN A 349 23.35 4.96 -2.74
CA GLN A 349 22.15 5.12 -3.55
C GLN A 349 22.50 5.52 -4.98
N GLN A 350 23.46 6.42 -5.09
CA GLN A 350 23.96 6.88 -6.38
C GLN A 350 24.50 5.71 -7.20
N LEU A 351 25.40 4.94 -6.59
CA LEU A 351 25.99 3.75 -7.24
C LEU A 351 24.94 2.72 -7.70
N VAL A 352 23.95 2.43 -6.87
CA VAL A 352 22.93 1.45 -7.29
C VAL A 352 22.17 2.04 -8.52
N LYS A 353 21.65 3.25 -8.41
CA LYS A 353 20.94 3.92 -9.53
C LYS A 353 21.75 3.94 -10.84
N GLU A 354 23.02 4.34 -10.74
CA GLU A 354 23.91 4.40 -11.90
C GLU A 354 24.20 3.03 -12.48
N PHE A 355 24.47 2.04 -11.64
CA PHE A 355 24.47 0.65 -12.13
C PHE A 355 23.25 0.32 -13.00
N PHE A 356 22.04 0.65 -12.53
CA PHE A 356 20.81 0.32 -13.26
C PHE A 356 20.32 1.37 -14.25
N ASN A 357 21.27 2.17 -14.73
CA ASN A 357 21.06 3.16 -15.79
C ASN A 357 20.06 4.28 -15.50
N GLY A 358 20.08 4.78 -14.26
CA GLY A 358 19.25 5.90 -13.84
C GLY A 358 17.90 5.49 -13.26
N LYS A 359 17.69 4.19 -13.13
CA LYS A 359 16.40 3.66 -12.64
C LYS A 359 16.28 3.83 -11.11
N GLU A 360 15.16 4.40 -10.67
CA GLU A 360 14.92 4.56 -9.24
C GLU A 360 14.49 3.26 -8.54
N PRO A 361 15.00 3.04 -7.30
CA PRO A 361 14.51 1.99 -6.37
C PRO A 361 13.13 2.31 -5.75
N SER A 362 12.44 1.30 -5.24
CA SER A 362 11.29 1.54 -4.39
C SER A 362 11.69 2.46 -3.25
N ARG A 363 10.75 3.25 -2.73
CA ARG A 363 11.08 4.28 -1.75
C ARG A 363 9.89 4.57 -0.85
N GLY A 364 10.18 4.93 0.39
CA GLY A 364 9.11 5.27 1.30
C GLY A 364 9.11 4.51 2.60
N ILE A 365 9.90 3.43 2.70
CA ILE A 365 9.97 2.70 3.97
C ILE A 365 11.41 2.69 4.49
N ASN A 366 11.60 3.10 5.75
CA ASN A 366 12.94 3.00 6.33
C ASN A 366 13.53 1.62 5.97
N PRO A 367 14.70 1.64 5.30
CA PRO A 367 15.39 0.39 4.87
C PRO A 367 15.81 -0.49 6.05
N ASP A 368 15.91 0.08 7.25
CA ASP A 368 16.12 -0.70 8.49
C ASP A 368 14.88 -1.46 8.88
N GLU A 369 13.73 -0.93 8.46
CA GLU A 369 12.45 -1.45 8.95
C GLU A 369 11.67 -2.28 7.96
N ALA A 370 12.09 -2.25 6.69
CA ALA A 370 11.34 -2.84 5.55
C ALA A 370 11.04 -4.31 5.71
N VAL A 371 12.04 -5.07 6.18
CA VAL A 371 11.91 -6.53 6.38
C VAL A 371 10.90 -6.87 7.47
N ALA A 372 11.02 -6.28 8.65
CA ALA A 372 9.98 -6.51 9.71
C ALA A 372 8.61 -6.00 9.23
N TYR A 373 8.59 -4.89 8.47
CA TYR A 373 7.33 -4.37 7.92
C TYR A 373 6.52 -5.39 7.12
N GLY A 374 7.21 -6.07 6.20
CA GLY A 374 6.66 -7.06 5.35
C GLY A 374 6.26 -8.25 6.18
N ALA A 375 7.04 -8.52 7.22
CA ALA A 375 6.75 -9.65 8.11
C ALA A 375 5.47 -9.36 8.91
N ALA A 376 5.28 -8.08 9.21
CA ALA A 376 4.03 -7.57 9.87
C ALA A 376 2.84 -7.54 8.90
N VAL A 377 3.10 -7.29 7.62
CA VAL A 377 2.03 -7.36 6.59
C VAL A 377 1.40 -8.76 6.63
N GLN A 378 2.23 -9.79 6.71
CA GLN A 378 1.76 -11.17 6.70
C GLN A 378 1.18 -11.64 8.02
N ALA A 379 1.73 -11.12 9.12
CA ALA A 379 1.23 -11.34 10.49
C ALA A 379 -0.19 -10.78 10.64
N GLY A 380 -0.36 -9.62 10.00
CA GLY A 380 -1.63 -8.96 9.90
C GLY A 380 -2.72 -9.82 9.32
N VAL A 381 -2.43 -10.45 8.18
CA VAL A 381 -3.37 -11.35 7.51
C VAL A 381 -3.66 -12.55 8.41
N LEU A 382 -2.65 -13.02 9.18
CA LEU A 382 -2.77 -14.25 9.99
C LEU A 382 -3.62 -14.09 11.26
N SER A 383 -3.98 -12.87 11.66
CA SER A 383 -5.34 -12.79 12.31
C SER A 383 -6.37 -12.07 11.45
N GLY A 384 -6.91 -10.98 12.01
CA GLY A 384 -7.93 -10.16 11.37
C GLY A 384 -9.29 -10.55 11.89
N ASP B 3 -23.01 -1.49 19.88
CA ASP B 3 -21.80 -1.88 19.11
C ASP B 3 -22.06 -1.97 17.60
N VAL B 4 -21.02 -1.70 16.83
CA VAL B 4 -21.09 -1.37 15.41
C VAL B 4 -20.97 -2.58 14.45
N GLY B 5 -20.57 -3.72 14.99
CA GLY B 5 -20.30 -4.88 14.17
C GLY B 5 -19.23 -4.70 13.12
N THR B 6 -19.47 -5.30 11.96
CA THR B 6 -18.61 -5.06 10.83
C THR B 6 -19.19 -3.85 10.13
N VAL B 7 -18.47 -2.74 10.16
CA VAL B 7 -18.92 -1.59 9.42
C VAL B 7 -18.58 -1.75 7.93
N VAL B 8 -19.52 -1.31 7.09
CA VAL B 8 -19.31 -1.30 5.66
C VAL B 8 -18.86 0.05 5.07
N GLY B 9 -18.16 0.01 3.93
CA GLY B 9 -17.78 1.19 3.22
C GLY B 9 -18.60 1.22 1.92
N ILE B 10 -19.38 2.27 1.75
CA ILE B 10 -20.27 2.40 0.56
C ILE B 10 -19.97 3.69 -0.22
N ASP B 11 -19.56 3.51 -1.48
CA ASP B 11 -19.60 4.51 -2.51
C ASP B 11 -21.07 4.56 -3.03
N LEU B 12 -21.75 5.68 -2.84
CA LEU B 12 -23.14 5.89 -3.24
C LEU B 12 -23.06 6.77 -4.42
N GLY B 13 -22.93 6.16 -5.60
CA GLY B 13 -22.68 6.89 -6.83
C GLY B 13 -23.94 7.39 -7.54
N THR B 14 -23.72 8.35 -8.43
CA THR B 14 -24.79 8.89 -9.24
C THR B 14 -25.44 7.78 -10.11
N THR B 15 -24.59 6.97 -10.76
CA THR B 15 -25.07 5.95 -11.70
C THR B 15 -24.86 4.51 -11.17
N TYR B 16 -23.70 4.27 -10.50
CA TYR B 16 -23.37 3.01 -9.83
C TYR B 16 -22.92 3.14 -8.41
N SER B 17 -23.21 2.14 -7.60
CA SER B 17 -22.75 2.04 -6.25
C SER B 17 -21.85 0.84 -5.97
N CYS B 18 -21.09 0.94 -4.87
CA CYS B 18 -20.10 -0.05 -4.57
C CYS B 18 -19.98 -0.22 -3.05
N VAL B 19 -19.85 -1.49 -2.60
CA VAL B 19 -19.71 -1.78 -1.18
C VAL B 19 -18.52 -2.71 -0.87
N GLY B 20 -17.77 -2.35 0.17
CA GLY B 20 -16.53 -3.01 0.53
C GLY B 20 -16.48 -3.25 2.02
N VAL B 21 -15.69 -4.24 2.40
CA VAL B 21 -15.52 -4.60 3.80
C VAL B 21 -14.02 -4.88 4.09
N PHE B 22 -13.59 -4.64 5.34
CA PHE B 22 -12.25 -5.06 5.76
C PHE B 22 -12.39 -6.38 6.55
N LYS B 23 -11.76 -7.43 6.01
CA LYS B 23 -12.00 -8.78 6.49
C LYS B 23 -10.66 -9.48 6.47
N ASN B 24 -10.39 -10.26 7.51
CA ASN B 24 -9.12 -11.07 7.59
C ASN B 24 -7.91 -10.26 7.14
N GLY B 25 -7.80 -9.04 7.64
CA GLY B 25 -6.68 -8.15 7.27
C GLY B 25 -6.54 -7.45 5.92
N ARG B 26 -7.58 -7.45 5.08
CA ARG B 26 -7.56 -6.79 3.77
C ARG B 26 -9.00 -6.32 3.38
N VAL B 27 -9.09 -5.40 2.44
CA VAL B 27 -10.41 -4.97 1.89
C VAL B 27 -10.99 -6.02 0.96
N GLU B 28 -12.25 -6.36 1.17
CA GLU B 28 -13.03 -7.18 0.26
C GLU B 28 -14.11 -6.33 -0.43
N ILE B 29 -14.00 -6.15 -1.75
CA ILE B 29 -15.10 -5.54 -2.51
C ILE B 29 -16.12 -6.64 -2.84
N ILE B 30 -17.37 -6.40 -2.42
CA ILE B 30 -18.39 -7.43 -2.36
C ILE B 30 -19.30 -7.41 -3.59
N ALA B 31 -19.40 -8.56 -4.27
CA ALA B 31 -20.25 -8.73 -5.44
C ALA B 31 -21.74 -9.01 -5.09
N ASN B 32 -22.64 -8.45 -5.91
CA ASN B 32 -24.08 -8.50 -5.68
C ASN B 32 -24.62 -9.83 -6.20
N ASP B 33 -25.95 -9.99 -6.16
CA ASP B 33 -26.58 -11.26 -6.49
C ASP B 33 -26.50 -11.60 -7.97
N GLN B 34 -26.11 -10.63 -8.79
CA GLN B 34 -25.95 -10.85 -10.21
C GLN B 34 -24.48 -10.99 -10.54
N GLY B 35 -23.67 -10.93 -9.49
CA GLY B 35 -22.28 -11.22 -9.60
C GLY B 35 -21.48 -10.02 -10.02
N ASN B 36 -22.03 -8.82 -9.87
CA ASN B 36 -21.27 -7.61 -10.16
C ASN B 36 -20.77 -6.93 -8.91
N ARG B 37 -19.54 -6.46 -8.99
CA ARG B 37 -18.93 -5.70 -7.89
C ARG B 37 -19.35 -4.23 -7.79
N ILE B 38 -20.14 -3.76 -8.78
CA ILE B 38 -20.86 -2.48 -8.75
C ILE B 38 -22.36 -2.72 -9.09
N THR B 39 -23.22 -1.85 -8.55
CA THR B 39 -24.67 -1.97 -8.63
C THR B 39 -25.20 -0.65 -9.14
N PRO B 40 -26.02 -0.67 -10.22
CA PRO B 40 -26.67 0.58 -10.67
C PRO B 40 -27.54 1.24 -9.58
N SER B 41 -27.39 2.57 -9.42
CA SER B 41 -28.18 3.34 -8.49
C SER B 41 -29.56 3.60 -9.11
N TYR B 42 -30.34 2.55 -9.29
CA TYR B 42 -31.60 2.57 -10.05
C TYR B 42 -32.68 1.86 -9.26
N VAL B 43 -33.91 2.38 -9.35
CA VAL B 43 -35.11 1.76 -8.78
C VAL B 43 -36.15 1.63 -9.91
N ALA B 44 -36.86 0.51 -9.95
CA ALA B 44 -38.01 0.33 -10.81
C ALA B 44 -39.01 -0.56 -10.09
N PHE B 45 -40.19 -0.71 -10.70
CA PHE B 45 -41.35 -1.48 -10.15
C PHE B 45 -41.93 -2.35 -11.22
N THR B 46 -42.09 -3.63 -10.93
CA THR B 46 -42.74 -4.61 -11.81
C THR B 46 -44.26 -4.30 -11.87
N PRO B 47 -44.99 -4.97 -12.82
CA PRO B 47 -46.45 -4.72 -12.98
C PRO B 47 -47.25 -4.93 -11.69
N GLU B 48 -46.84 -5.96 -10.97
CA GLU B 48 -47.57 -6.43 -9.82
C GLU B 48 -47.07 -5.81 -8.54
N GLY B 49 -46.38 -4.68 -8.64
CA GLY B 49 -46.01 -3.89 -7.47
C GLY B 49 -44.67 -4.22 -6.80
N GLU B 50 -43.84 -5.03 -7.44
CA GLU B 50 -42.54 -5.39 -6.85
C GLU B 50 -41.50 -4.29 -7.06
N ARG B 51 -40.81 -3.94 -5.97
CA ARG B 51 -39.71 -2.98 -6.00
C ARG B 51 -38.39 -3.64 -6.41
N LEU B 52 -37.91 -3.26 -7.60
CA LEU B 52 -36.58 -3.66 -8.10
C LEU B 52 -35.50 -2.59 -7.84
N ILE B 53 -34.36 -3.02 -7.32
CA ILE B 53 -33.20 -2.15 -7.10
C ILE B 53 -31.95 -2.74 -7.82
N GLY B 54 -31.20 -1.87 -8.49
CA GLY B 54 -29.89 -2.26 -9.02
C GLY B 54 -29.97 -2.75 -10.44
N ASP B 55 -29.22 -3.82 -10.77
CA ASP B 55 -29.16 -4.38 -12.13
C ASP B 55 -30.56 -4.77 -12.70
N ALA B 56 -31.35 -5.46 -11.90
CA ALA B 56 -32.73 -5.84 -12.25
C ALA B 56 -33.61 -4.64 -12.68
N ALA B 57 -33.51 -3.52 -11.93
CA ALA B 57 -34.18 -2.26 -12.25
C ALA B 57 -33.69 -1.60 -13.55
N LYS B 58 -32.36 -1.43 -13.66
CA LYS B 58 -31.74 -0.92 -14.88
C LYS B 58 -32.04 -1.77 -16.13
N ASN B 59 -31.97 -3.10 -15.97
CA ASN B 59 -32.10 -4.05 -17.10
C ASN B 59 -33.51 -4.48 -17.46
N GLN B 60 -34.45 -4.34 -16.52
CA GLN B 60 -35.87 -4.54 -16.82
C GLN B 60 -36.20 -3.81 -18.12
N LEU B 61 -36.30 -4.61 -19.18
CA LEU B 61 -36.34 -4.13 -20.55
C LEU B 61 -37.80 -4.07 -20.87
N THR B 62 -38.45 -3.02 -20.36
CA THR B 62 -39.90 -2.90 -20.30
C THR B 62 -40.29 -1.42 -20.24
N SER B 63 -40.93 -0.96 -21.30
CA SER B 63 -40.75 0.41 -21.62
C SER B 63 -41.90 1.45 -21.64
N ASN B 64 -42.32 1.81 -20.43
CA ASN B 64 -42.63 3.20 -20.11
C ASN B 64 -41.58 3.76 -19.13
N PRO B 65 -40.58 4.50 -19.65
CA PRO B 65 -39.49 5.06 -18.83
C PRO B 65 -39.87 5.93 -17.63
N GLU B 66 -41.13 6.31 -17.49
CA GLU B 66 -41.55 7.29 -16.45
C GLU B 66 -41.53 6.70 -15.04
N ASN B 67 -41.77 5.40 -14.94
CA ASN B 67 -41.79 4.74 -13.65
C ASN B 67 -40.44 4.24 -13.17
N THR B 68 -39.38 4.65 -13.88
CA THR B 68 -38.01 4.21 -13.57
C THR B 68 -37.28 5.38 -12.89
N VAL B 69 -36.57 5.11 -11.79
CA VAL B 69 -35.92 6.20 -11.02
C VAL B 69 -34.41 5.99 -10.94
N PHE B 70 -33.70 7.07 -11.26
CA PHE B 70 -32.27 7.07 -11.29
C PHE B 70 -31.79 8.51 -11.10
N ASP B 71 -30.48 8.70 -10.96
CA ASP B 71 -29.88 10.05 -10.70
C ASP B 71 -30.52 10.84 -9.57
N ALA B 72 -31.02 10.15 -8.55
CA ALA B 72 -31.48 10.85 -7.34
C ALA B 72 -30.39 11.72 -6.68
N LYS B 73 -29.13 11.38 -6.90
CA LYS B 73 -27.99 12.07 -6.33
C LYS B 73 -27.88 13.49 -6.83
N ARG B 74 -28.43 13.78 -8.01
CA ARG B 74 -28.56 15.17 -8.58
C ARG B 74 -29.58 16.03 -7.85
N LEU B 75 -30.51 15.39 -7.17
CA LEU B 75 -31.60 16.10 -6.45
C LEU B 75 -31.44 16.08 -4.94
N ILE B 76 -30.62 15.17 -4.43
CA ILE B 76 -30.46 14.99 -3.00
C ILE B 76 -29.90 16.26 -2.29
N GLY B 77 -30.57 16.63 -1.20
CA GLY B 77 -30.23 17.76 -0.37
C GLY B 77 -30.48 19.12 -0.98
N ARG B 78 -31.21 19.13 -2.10
CA ARG B 78 -31.54 20.36 -2.81
C ARG B 78 -33.01 20.67 -2.62
N THR B 79 -33.34 21.95 -2.84
CA THR B 79 -34.72 22.45 -2.76
C THR B 79 -35.36 22.39 -4.15
N TRP B 80 -36.66 22.15 -4.19
CA TRP B 80 -37.42 22.23 -5.45
C TRP B 80 -36.96 23.34 -6.36
N ASN B 81 -36.90 24.57 -5.85
CA ASN B 81 -36.61 25.76 -6.66
C ASN B 81 -35.13 26.04 -6.97
N ASP B 82 -34.24 25.22 -6.41
CA ASP B 82 -32.79 25.29 -6.77
C ASP B 82 -32.68 25.27 -8.30
N PRO B 83 -31.99 26.28 -8.87
CA PRO B 83 -31.83 26.38 -10.33
C PRO B 83 -31.21 25.13 -11.01
N SER B 84 -30.38 24.42 -10.25
CA SER B 84 -29.82 23.17 -10.70
C SER B 84 -30.88 22.07 -10.79
N VAL B 85 -31.85 22.08 -9.86
CA VAL B 85 -32.90 21.09 -9.87
C VAL B 85 -33.82 21.42 -11.07
N GLN B 86 -34.11 22.71 -11.29
CA GLN B 86 -34.96 23.13 -12.38
C GLN B 86 -34.38 22.79 -13.76
N GLN B 87 -33.07 22.86 -13.92
CA GLN B 87 -32.43 22.38 -15.14
C GLN B 87 -32.50 20.86 -15.33
N ASP B 88 -32.08 20.10 -14.32
CA ASP B 88 -32.09 18.64 -14.35
C ASP B 88 -33.43 18.00 -14.65
N ILE B 89 -34.48 18.46 -13.95
CA ILE B 89 -35.86 18.10 -14.24
C ILE B 89 -36.17 17.98 -15.75
N LYS B 90 -35.61 18.88 -16.56
CA LYS B 90 -35.89 18.95 -17.98
C LYS B 90 -35.45 17.70 -18.74
N PHE B 91 -34.44 17.02 -18.19
CA PHE B 91 -33.79 15.90 -18.88
C PHE B 91 -34.09 14.55 -18.24
N LEU B 92 -34.84 14.54 -17.15
CA LEU B 92 -35.19 13.29 -16.46
C LEU B 92 -36.60 12.85 -16.91
N PRO B 93 -36.83 11.53 -17.15
CA PRO B 93 -38.10 11.04 -17.72
C PRO B 93 -39.17 10.75 -16.65
N PHE B 94 -38.75 10.62 -15.39
CA PHE B 94 -39.68 10.52 -14.28
C PHE B 94 -40.11 11.92 -13.91
N LYS B 95 -41.32 12.00 -13.39
CA LYS B 95 -41.93 13.18 -12.85
C LYS B 95 -41.27 13.55 -11.53
N VAL B 96 -40.95 14.83 -11.39
CA VAL B 96 -40.45 15.40 -10.16
C VAL B 96 -41.42 16.53 -9.80
N VAL B 97 -41.90 16.52 -8.56
CA VAL B 97 -42.84 17.53 -8.06
C VAL B 97 -42.36 18.21 -6.74
N GLU B 98 -42.92 19.39 -6.45
CA GLU B 98 -42.66 20.06 -5.21
C GLU B 98 -43.46 19.48 -4.06
N LYS B 99 -42.72 19.00 -3.07
CA LYS B 99 -43.32 18.64 -1.81
C LYS B 99 -42.37 18.96 -0.68
N LYS B 100 -42.91 19.63 0.33
CA LYS B 100 -42.20 20.01 1.55
C LYS B 100 -40.96 20.80 1.18
N THR B 101 -41.16 21.68 0.18
CA THR B 101 -40.12 22.54 -0.43
C THR B 101 -39.09 21.80 -1.28
N LYS B 102 -39.23 20.49 -1.39
CA LYS B 102 -38.22 19.64 -2.01
C LYS B 102 -38.66 19.06 -3.36
N PRO B 103 -37.70 18.61 -4.19
CA PRO B 103 -38.06 17.91 -5.40
C PRO B 103 -38.31 16.39 -5.13
N TYR B 104 -39.57 16.03 -4.92
CA TYR B 104 -39.97 14.62 -4.76
C TYR B 104 -40.16 13.95 -6.10
N ILE B 105 -39.90 12.66 -6.13
CA ILE B 105 -40.06 11.82 -7.33
C ILE B 105 -41.42 11.15 -7.30
N GLN B 106 -42.17 11.35 -8.36
CA GLN B 106 -43.50 10.78 -8.46
C GLN B 106 -43.56 9.66 -9.53
N VAL B 107 -44.00 8.48 -9.12
CA VAL B 107 -44.09 7.33 -10.04
C VAL B 107 -45.34 6.53 -9.75
N ASP B 108 -45.79 5.81 -10.78
CA ASP B 108 -46.75 4.73 -10.59
C ASP B 108 -45.92 3.46 -10.37
N ILE B 109 -46.29 2.70 -9.36
CA ILE B 109 -45.49 1.59 -8.84
C ILE B 109 -46.21 0.24 -8.98
N GLY B 110 -47.43 0.26 -9.50
CA GLY B 110 -48.23 -0.93 -9.79
C GLY B 110 -49.70 -0.66 -9.49
N GLY B 111 -50.59 -1.19 -10.33
CA GLY B 111 -52.03 -1.09 -10.12
C GLY B 111 -52.55 0.34 -10.24
N GLY B 112 -51.84 1.19 -10.97
CA GLY B 112 -52.11 2.63 -10.96
C GLY B 112 -51.90 3.34 -9.63
N GLN B 113 -51.16 2.72 -8.71
CA GLN B 113 -50.78 3.44 -7.47
C GLN B 113 -49.58 4.39 -7.66
N THR B 114 -49.88 5.67 -7.44
CA THR B 114 -48.96 6.78 -7.55
C THR B 114 -48.35 6.95 -6.17
N LYS B 115 -47.01 6.94 -6.09
CA LYS B 115 -46.28 7.27 -4.88
C LYS B 115 -45.24 8.39 -5.09
N THR B 116 -44.97 9.13 -4.03
CA THR B 116 -43.96 10.19 -4.09
C THR B 116 -42.81 9.93 -3.12
N PHE B 117 -41.60 10.05 -3.63
CA PHE B 117 -40.41 9.79 -2.81
C PHE B 117 -39.49 10.99 -2.79
N ALA B 118 -39.07 11.35 -1.59
CA ALA B 118 -37.98 12.28 -1.39
C ALA B 118 -36.74 11.61 -2.02
N PRO B 119 -35.83 12.43 -2.55
CA PRO B 119 -34.61 11.87 -3.12
C PRO B 119 -33.79 10.97 -2.15
N GLU B 120 -33.88 11.24 -0.86
CA GLU B 120 -33.17 10.43 0.12
C GLU B 120 -33.92 9.12 0.38
N GLU B 121 -35.21 9.07 0.07
CA GLU B 121 -35.93 7.81 0.11
C GLU B 121 -35.54 6.88 -1.04
N ILE B 122 -35.39 7.43 -2.25
CA ILE B 122 -34.77 6.68 -3.37
C ILE B 122 -33.35 6.18 -3.06
N SER B 123 -32.47 7.04 -2.57
CA SER B 123 -31.10 6.65 -2.18
C SER B 123 -31.03 5.66 -1.05
N ALA B 124 -31.99 5.72 -0.12
CA ALA B 124 -32.18 4.68 0.90
C ALA B 124 -32.45 3.32 0.31
N MET B 125 -33.22 3.27 -0.77
CA MET B 125 -33.44 2.02 -1.48
C MET B 125 -32.12 1.45 -2.08
N VAL B 126 -31.33 2.32 -2.70
CA VAL B 126 -30.03 1.89 -3.23
C VAL B 126 -29.14 1.42 -2.09
N LEU B 127 -29.07 2.19 -0.99
CA LEU B 127 -28.34 1.79 0.25
C LEU B 127 -28.83 0.47 0.93
N THR B 128 -30.14 0.30 1.02
CA THR B 128 -30.74 -0.97 1.41
C THR B 128 -30.17 -2.15 0.58
N LYS B 129 -30.21 -2.02 -0.75
CA LYS B 129 -29.62 -3.01 -1.64
C LYS B 129 -28.09 -3.25 -1.38
N MET B 130 -27.33 -2.18 -1.11
CA MET B 130 -25.90 -2.34 -0.74
C MET B 130 -25.69 -3.12 0.55
N LYS B 131 -26.59 -2.84 1.50
CA LYS B 131 -26.61 -3.42 2.82
C LYS B 131 -26.93 -4.92 2.73
N GLU B 132 -27.91 -5.29 1.92
CA GLU B 132 -28.25 -6.70 1.65
C GLU B 132 -27.11 -7.53 0.99
N THR B 133 -26.47 -6.97 -0.03
CA THR B 133 -25.28 -7.51 -0.67
C THR B 133 -24.18 -7.84 0.37
N ALA B 134 -23.88 -6.93 1.28
CA ALA B 134 -22.82 -7.11 2.27
C ALA B 134 -23.20 -8.16 3.30
N GLU B 135 -24.40 -8.05 3.87
CA GLU B 135 -25.04 -9.06 4.72
C GLU B 135 -25.10 -10.46 4.12
N ALA B 136 -25.42 -10.58 2.83
CA ALA B 136 -25.31 -11.86 2.09
C ALA B 136 -23.91 -12.41 2.26
N TYR B 137 -22.93 -11.53 2.02
CA TYR B 137 -21.54 -11.91 2.06
C TYR B 137 -21.03 -12.25 3.47
N LEU B 138 -21.45 -11.44 4.46
CA LEU B 138 -20.90 -11.51 5.81
C LEU B 138 -21.61 -12.60 6.63
N GLY B 139 -22.80 -12.97 6.19
CA GLY B 139 -23.58 -14.00 6.87
C GLY B 139 -24.21 -13.49 8.16
N LYS B 140 -24.21 -12.17 8.35
CA LYS B 140 -24.81 -11.49 9.51
C LYS B 140 -25.35 -10.11 9.11
N LYS B 141 -26.07 -9.49 10.05
CA LYS B 141 -26.63 -8.14 9.84
C LYS B 141 -25.60 -7.00 9.84
N VAL B 142 -25.90 -5.98 9.04
CA VAL B 142 -25.05 -4.79 8.99
C VAL B 142 -25.88 -3.62 9.48
N THR B 143 -25.31 -2.88 10.43
CA THR B 143 -26.00 -1.75 11.07
C THR B 143 -25.31 -0.40 10.88
N HIS B 144 -24.00 -0.40 10.64
CA HIS B 144 -23.21 0.84 10.57
C HIS B 144 -22.43 0.96 9.27
N ALA B 145 -22.21 2.20 8.80
CA ALA B 145 -21.46 2.40 7.53
C ALA B 145 -20.65 3.68 7.52
N VAL B 146 -19.59 3.66 6.71
CA VAL B 146 -18.89 4.87 6.18
C VAL B 146 -19.41 5.15 4.74
N VAL B 147 -19.92 6.36 4.48
CA VAL B 147 -20.52 6.68 3.17
C VAL B 147 -19.78 7.84 2.52
N THR B 148 -19.44 7.72 1.24
CA THR B 148 -18.71 8.81 0.57
C THR B 148 -19.65 9.79 -0.16
N VAL B 149 -19.17 11.00 -0.36
CA VAL B 149 -19.90 12.03 -1.04
C VAL B 149 -18.93 12.87 -1.88
N PRO B 150 -19.42 13.50 -2.94
CA PRO B 150 -18.53 14.49 -3.60
C PRO B 150 -18.05 15.57 -2.63
N ALA B 151 -16.79 15.98 -2.83
CA ALA B 151 -16.17 17.06 -2.04
C ALA B 151 -17.00 18.32 -2.01
N TYR B 152 -17.69 18.64 -3.11
CA TYR B 152 -18.50 19.86 -3.16
C TYR B 152 -19.90 19.74 -2.52
N PHE B 153 -20.26 18.58 -1.98
CA PHE B 153 -21.51 18.47 -1.23
C PHE B 153 -21.49 19.49 -0.12
N ASN B 154 -22.57 20.25 -0.03
CA ASN B 154 -22.81 21.23 1.05
C ASN B 154 -23.50 20.56 2.23
N ASP B 155 -23.81 21.33 3.28
CA ASP B 155 -24.35 20.79 4.52
C ASP B 155 -25.59 19.93 4.37
N ALA B 156 -26.55 20.43 3.61
CA ALA B 156 -27.83 19.75 3.32
C ALA B 156 -27.64 18.43 2.54
N GLN B 157 -26.75 18.45 1.59
CA GLN B 157 -26.45 17.25 0.77
C GLN B 157 -25.81 16.11 1.62
N ARG B 158 -24.87 16.48 2.49
CA ARG B 158 -24.29 15.55 3.48
C ARG B 158 -25.31 15.06 4.51
N GLN B 159 -26.15 15.95 5.05
CA GLN B 159 -27.23 15.51 5.92
C GLN B 159 -28.27 14.63 5.22
N ALA B 160 -28.75 15.05 4.05
CA ALA B 160 -29.71 14.20 3.35
C ALA B 160 -29.13 12.79 3.07
N THR B 161 -27.79 12.67 2.95
CA THR B 161 -27.16 11.36 2.69
C THR B 161 -27.14 10.48 3.90
N LYS B 162 -26.87 11.10 5.07
CA LYS B 162 -26.93 10.45 6.36
C LYS B 162 -28.35 9.98 6.61
N ASP B 163 -29.31 10.87 6.31
CA ASP B 163 -30.78 10.58 6.42
C ASP B 163 -31.20 9.36 5.55
N ALA B 164 -30.69 9.31 4.34
CA ALA B 164 -30.84 8.11 3.47
C ALA B 164 -30.40 6.83 4.20
N GLY B 165 -29.28 6.93 4.93
CA GLY B 165 -28.71 5.78 5.62
C GLY B 165 -29.65 5.36 6.72
N THR B 166 -30.10 6.35 7.50
CA THR B 166 -31.05 6.08 8.60
C THR B 166 -32.30 5.35 8.12
N ILE B 167 -32.90 5.84 7.04
CA ILE B 167 -34.07 5.19 6.44
C ILE B 167 -33.77 3.76 6.05
N ALA B 168 -32.59 3.54 5.52
CA ALA B 168 -32.11 2.23 5.08
C ALA B 168 -31.66 1.31 6.26
N GLY B 169 -31.71 1.81 7.49
CA GLY B 169 -31.23 1.05 8.65
C GLY B 169 -29.72 1.06 8.89
N LEU B 170 -29.08 2.08 8.36
CA LEU B 170 -27.62 2.21 8.48
C LEU B 170 -27.30 3.44 9.28
N ASN B 171 -26.61 3.24 10.39
CA ASN B 171 -26.02 4.32 11.12
C ASN B 171 -24.76 4.70 10.37
N VAL B 172 -24.81 5.83 9.67
CA VAL B 172 -23.65 6.34 8.98
C VAL B 172 -22.84 7.15 9.93
N MET B 173 -21.78 6.52 10.40
CA MET B 173 -20.88 7.02 11.44
C MET B 173 -19.96 8.12 10.96
N ARG B 174 -19.58 8.08 9.68
CA ARG B 174 -18.94 9.23 9.05
C ARG B 174 -19.22 9.32 7.55
N ILE B 175 -19.25 10.55 7.07
CA ILE B 175 -19.38 10.87 5.69
C ILE B 175 -17.98 11.32 5.29
N ILE B 176 -17.42 10.69 4.27
CA ILE B 176 -16.10 11.11 3.80
C ILE B 176 -16.18 11.49 2.32
N ASN B 177 -15.25 12.35 1.87
CA ASN B 177 -15.23 12.83 0.51
C ASN B 177 -14.70 11.74 -0.39
N GLU B 178 -15.32 11.60 -1.57
CA GLU B 178 -14.99 10.61 -2.59
C GLU B 178 -13.51 10.62 -3.04
N PRO B 179 -12.95 11.81 -3.36
CA PRO B 179 -11.55 11.86 -3.83
C PRO B 179 -10.57 11.51 -2.75
N THR B 180 -10.94 11.77 -1.50
CA THR B 180 -10.09 11.45 -0.37
C THR B 180 -10.10 9.95 -0.06
N ALA B 181 -11.29 9.34 -0.05
CA ALA B 181 -11.50 7.88 -0.11
C ALA B 181 -10.63 7.28 -1.16
N ALA B 182 -10.71 7.77 -2.39
CA ALA B 182 -9.83 7.25 -3.48
C ALA B 182 -8.31 7.25 -3.16
N ALA B 183 -7.83 8.39 -2.67
CA ALA B 183 -6.44 8.55 -2.24
C ALA B 183 -6.03 7.59 -1.10
N ILE B 184 -6.91 7.46 -0.10
CA ILE B 184 -6.77 6.46 0.97
C ILE B 184 -6.61 5.03 0.43
N ALA B 185 -7.52 4.63 -0.48
CA ALA B 185 -7.42 3.33 -1.19
C ALA B 185 -6.01 3.03 -1.73
N TYR B 186 -5.37 4.03 -2.31
CA TYR B 186 -4.01 3.91 -2.77
C TYR B 186 -2.92 4.11 -1.69
N GLY B 187 -3.34 4.41 -0.46
CA GLY B 187 -2.46 4.55 0.68
C GLY B 187 -1.60 5.78 0.50
N LEU B 188 -2.17 6.79 -0.13
CA LEU B 188 -1.46 8.06 -0.26
C LEU B 188 -1.32 8.87 1.05
N ASP B 189 -2.12 8.55 2.07
CA ASP B 189 -1.92 9.11 3.43
C ASP B 189 -0.63 8.61 4.14
N LYS B 190 -0.04 7.51 3.65
CA LYS B 190 1.22 6.97 4.17
C LYS B 190 2.45 7.69 3.63
N ARG B 191 2.21 8.71 2.80
CA ARG B 191 3.25 9.53 2.16
C ARG B 191 3.77 10.62 3.13
N GLU B 192 5.07 10.55 3.45
CA GLU B 192 5.74 11.55 4.29
C GLU B 192 5.92 12.90 3.54
N GLY B 193 5.68 14.01 4.24
CA GLY B 193 5.89 15.34 3.68
C GLY B 193 4.63 15.84 3.01
N GLU B 194 4.73 17.02 2.40
CA GLU B 194 3.59 17.63 1.74
C GLU B 194 3.56 17.21 0.25
N LYS B 195 2.39 16.76 -0.19
CA LYS B 195 2.23 16.29 -1.57
C LYS B 195 0.97 16.85 -2.17
N ASN B 196 1.01 17.10 -3.47
CA ASN B 196 -0.18 17.50 -4.26
C ASN B 196 -0.78 16.31 -5.00
N ILE B 197 -2.05 15.99 -4.70
CA ILE B 197 -2.76 14.86 -5.35
C ILE B 197 -3.83 15.38 -6.28
N LEU B 198 -3.80 14.94 -7.55
CA LEU B 198 -4.92 15.20 -8.44
C LEU B 198 -5.76 13.94 -8.71
N VAL B 199 -7.01 14.00 -8.29
CA VAL B 199 -7.96 12.93 -8.53
C VAL B 199 -8.76 13.31 -9.81
N PHE B 200 -8.80 12.38 -10.74
CA PHE B 200 -9.48 12.58 -12.02
C PHE B 200 -10.60 11.52 -12.07
N ASP B 201 -11.83 11.95 -11.94
CA ASP B 201 -12.96 11.04 -11.61
C ASP B 201 -14.03 11.19 -12.68
N LEU B 202 -13.93 10.32 -13.68
CA LEU B 202 -14.83 10.30 -14.83
C LEU B 202 -15.83 9.15 -14.62
N GLY B 203 -16.99 9.49 -14.05
CA GLY B 203 -18.03 8.49 -13.76
C GLY B 203 -19.05 8.27 -14.87
N GLY B 204 -20.10 7.51 -14.56
CA GLY B 204 -21.18 7.26 -15.52
C GLY B 204 -21.88 8.52 -16.01
N GLY B 205 -22.09 9.48 -15.13
CA GLY B 205 -22.86 10.68 -15.49
C GLY B 205 -22.16 12.01 -15.31
N THR B 206 -21.20 12.03 -14.37
CA THR B 206 -20.55 13.23 -13.86
C THR B 206 -19.02 13.15 -14.02
N PHE B 207 -18.40 14.31 -14.20
CA PHE B 207 -16.94 14.36 -14.25
C PHE B 207 -16.41 15.22 -13.09
N ASP B 208 -15.70 14.64 -12.13
CA ASP B 208 -15.08 15.45 -11.08
C ASP B 208 -13.54 15.40 -11.07
N VAL B 209 -12.91 16.57 -10.99
CA VAL B 209 -11.46 16.74 -10.83
C VAL B 209 -11.27 17.39 -9.46
N SER B 210 -10.32 16.87 -8.69
CA SER B 210 -10.03 17.45 -7.37
C SER B 210 -8.54 17.50 -7.13
N LEU B 211 -8.06 18.68 -6.74
CA LEU B 211 -6.71 18.77 -6.17
C LEU B 211 -6.75 18.66 -4.66
N LEU B 212 -6.14 17.61 -4.14
CA LEU B 212 -5.95 17.46 -2.71
C LEU B 212 -4.51 17.59 -2.30
N THR B 213 -4.30 18.18 -1.13
CA THR B 213 -3.00 18.10 -0.48
C THR B 213 -3.05 17.09 0.65
N ILE B 214 -1.96 16.32 0.77
CA ILE B 214 -1.70 15.46 1.92
C ILE B 214 -0.44 15.98 2.69
N ASP B 215 -0.56 16.11 4.01
CA ASP B 215 0.53 16.60 4.85
C ASP B 215 0.35 16.05 6.29
N ASN B 216 1.26 15.16 6.70
CA ASN B 216 1.22 14.50 8.03
C ASN B 216 -0.03 13.63 8.31
N GLY B 217 -0.56 13.04 7.23
CA GLY B 217 -1.77 12.19 7.29
C GLY B 217 -3.09 12.92 7.25
N VAL B 218 -3.02 14.22 6.97
CA VAL B 218 -4.22 15.07 6.90
C VAL B 218 -4.45 15.51 5.47
N PHE B 219 -5.62 15.13 4.95
CA PHE B 219 -6.09 15.54 3.63
C PHE B 219 -6.78 16.91 3.68
N GLU B 220 -6.48 17.72 2.68
CA GLU B 220 -7.11 19.00 2.49
C GLU B 220 -7.51 18.94 1.01
N VAL B 221 -8.78 19.20 0.73
CA VAL B 221 -9.27 19.39 -0.63
C VAL B 221 -9.08 20.85 -0.94
N VAL B 222 -8.20 21.13 -1.89
CA VAL B 222 -7.82 22.51 -2.20
C VAL B 222 -8.74 23.13 -3.25
N ALA B 223 -9.00 22.40 -4.34
CA ALA B 223 -9.89 22.92 -5.41
C ALA B 223 -10.62 21.77 -6.09
N THR B 224 -11.78 22.10 -6.66
CA THR B 224 -12.63 21.16 -7.38
C THR B 224 -13.16 21.79 -8.68
N ASN B 225 -13.20 21.02 -9.74
CA ASN B 225 -13.85 21.44 -10.95
C ASN B 225 -14.43 20.19 -11.60
N GLY B 226 -14.89 20.34 -12.84
CA GLY B 226 -15.35 19.23 -13.65
C GLY B 226 -16.48 19.61 -14.58
N ASP B 227 -17.34 18.64 -14.89
CA ASP B 227 -18.49 18.86 -15.74
C ASP B 227 -19.60 17.94 -15.17
N THR B 228 -20.65 18.56 -14.64
CA THR B 228 -21.70 17.82 -13.94
C THR B 228 -22.51 16.92 -14.89
N HIS B 229 -22.36 17.12 -16.19
CA HIS B 229 -23.10 16.36 -17.19
C HIS B 229 -22.19 15.81 -18.27
N LEU B 230 -21.07 15.24 -17.84
CA LEU B 230 -20.25 14.46 -18.75
C LEU B 230 -19.92 13.16 -18.09
N GLY B 231 -20.07 12.07 -18.80
CA GLY B 231 -19.84 10.77 -18.21
C GLY B 231 -19.76 9.70 -19.24
N GLY B 232 -19.44 8.50 -18.76
CA GLY B 232 -19.53 7.26 -19.50
C GLY B 232 -20.77 7.07 -20.38
N GLU B 233 -21.93 7.44 -19.87
CA GLU B 233 -23.21 7.38 -20.59
C GLU B 233 -23.27 8.20 -21.88
N ASP B 234 -22.59 9.36 -21.87
CA ASP B 234 -22.61 10.24 -23.04
C ASP B 234 -21.80 9.64 -24.17
N PHE B 235 -20.75 8.89 -23.82
CA PHE B 235 -19.98 8.09 -24.82
C PHE B 235 -20.85 6.98 -25.45
N ASP B 236 -21.68 6.35 -24.62
CA ASP B 236 -22.63 5.33 -25.09
C ASP B 236 -23.71 5.93 -25.98
N GLN B 237 -24.26 7.05 -25.55
CA GLN B 237 -25.22 7.84 -26.33
C GLN B 237 -24.70 8.31 -27.72
N ARG B 238 -23.38 8.53 -27.87
CA ARG B 238 -22.74 8.81 -29.18
C ARG B 238 -22.68 7.63 -30.10
N VAL B 239 -22.34 6.46 -29.55
CA VAL B 239 -22.30 5.22 -30.28
C VAL B 239 -23.70 4.80 -30.75
N MET B 240 -24.64 4.95 -29.82
CA MET B 240 -26.06 4.76 -29.99
C MET B 240 -26.60 5.50 -31.20
N GLU B 241 -26.46 6.83 -31.20
CA GLU B 241 -26.86 7.66 -32.33
C GLU B 241 -26.17 7.25 -33.64
N HIS B 242 -24.91 6.79 -33.55
CA HIS B 242 -24.20 6.22 -34.71
C HIS B 242 -24.90 4.94 -35.23
N PHE B 243 -25.35 4.09 -34.33
CA PHE B 243 -26.02 2.87 -34.77
C PHE B 243 -27.48 3.09 -35.19
N ILE B 244 -28.17 4.01 -34.51
CA ILE B 244 -29.53 4.40 -34.92
C ILE B 244 -29.59 5.02 -36.33
N LYS B 245 -28.61 5.86 -36.68
CA LYS B 245 -28.45 6.41 -38.05
C LYS B 245 -28.10 5.33 -39.10
N LEU B 246 -27.16 4.46 -38.78
CA LEU B 246 -26.72 3.43 -39.72
C LEU B 246 -27.83 2.40 -40.05
N TYR B 247 -28.62 2.04 -39.04
CA TYR B 247 -29.74 1.11 -39.19
C TYR B 247 -30.92 1.76 -39.92
N LYS B 248 -31.06 3.09 -39.79
CA LYS B 248 -32.06 3.87 -40.52
C LYS B 248 -31.66 3.95 -41.98
N LYS B 249 -30.39 4.32 -42.24
CA LYS B 249 -29.81 4.28 -43.58
C LYS B 249 -30.08 2.94 -44.25
N LYS B 250 -29.78 1.85 -43.52
CA LYS B 250 -29.79 0.51 -44.08
C LYS B 250 -31.21 -0.09 -44.30
N THR B 251 -32.12 0.15 -43.35
CA THR B 251 -33.40 -0.51 -43.29
C THR B 251 -34.57 0.48 -43.37
N GLY B 252 -34.28 1.77 -43.46
CA GLY B 252 -35.31 2.82 -43.51
C GLY B 252 -36.15 2.94 -42.23
N LYS B 253 -35.74 2.22 -41.19
CA LYS B 253 -36.54 2.14 -39.96
C LYS B 253 -36.05 3.06 -38.83
N ASP B 254 -37.01 3.51 -38.03
CA ASP B 254 -36.74 4.34 -36.88
C ASP B 254 -36.87 3.52 -35.61
N VAL B 255 -35.73 3.12 -35.09
CA VAL B 255 -35.67 2.29 -33.90
C VAL B 255 -36.16 2.99 -32.59
N ARG B 256 -35.96 4.31 -32.48
CA ARG B 256 -36.40 5.03 -31.28
C ARG B 256 -37.91 5.01 -30.97
N LYS B 257 -38.73 4.66 -31.96
CA LYS B 257 -40.17 4.35 -31.76
C LYS B 257 -40.42 3.28 -30.70
N ASP B 258 -39.62 2.21 -30.79
CA ASP B 258 -39.60 1.10 -29.83
C ASP B 258 -38.55 1.31 -28.70
N ASN B 259 -39.03 1.67 -27.50
CA ASN B 259 -38.13 1.89 -26.34
C ASN B 259 -37.39 0.62 -25.85
N ARG B 260 -37.99 -0.54 -26.10
CA ARG B 260 -37.40 -1.81 -25.71
C ARG B 260 -36.25 -2.14 -26.69
N ALA B 261 -36.46 -1.85 -27.96
CA ALA B 261 -35.38 -1.90 -28.94
C ALA B 261 -34.21 -0.96 -28.58
N VAL B 262 -34.51 0.27 -28.15
CA VAL B 262 -33.49 1.23 -27.67
C VAL B 262 -32.61 0.68 -26.51
N GLN B 263 -33.30 0.11 -25.52
CA GLN B 263 -32.79 -0.50 -24.31
C GLN B 263 -31.78 -1.61 -24.59
N LYS B 264 -32.20 -2.50 -25.47
CA LYS B 264 -31.40 -3.63 -25.98
C LYS B 264 -30.12 -3.14 -26.60
N LEU B 265 -30.20 -2.14 -27.49
CA LEU B 265 -28.99 -1.57 -28.06
C LEU B 265 -28.09 -0.95 -26.98
N ARG B 266 -28.69 -0.21 -26.03
CA ARG B 266 -27.94 0.49 -25.03
C ARG B 266 -27.14 -0.43 -24.13
N ARG B 267 -27.76 -1.55 -23.72
CA ARG B 267 -27.09 -2.62 -22.99
C ARG B 267 -25.93 -3.20 -23.80
N GLU B 268 -26.19 -3.53 -25.07
CA GLU B 268 -25.13 -4.07 -25.94
C GLU B 268 -23.98 -3.10 -26.31
N VAL B 269 -24.30 -1.80 -26.40
CA VAL B 269 -23.31 -0.76 -26.64
C VAL B 269 -22.40 -0.61 -25.42
N GLU B 270 -22.98 -0.66 -24.23
CA GLU B 270 -22.23 -0.54 -23.01
C GLU B 270 -21.19 -1.66 -22.85
N LYS B 271 -21.54 -2.89 -23.24
CA LYS B 271 -20.58 -4.01 -23.27
C LYS B 271 -19.52 -3.86 -24.33
N ALA B 272 -19.93 -3.36 -25.49
CA ALA B 272 -19.00 -2.99 -26.56
C ALA B 272 -17.96 -1.99 -26.04
N LYS B 273 -18.43 -0.89 -25.45
CA LYS B 273 -17.51 0.05 -24.85
C LYS B 273 -16.46 -0.61 -23.91
N ARG B 274 -16.92 -1.49 -23.03
CA ARG B 274 -16.06 -2.15 -22.05
C ARG B 274 -15.05 -3.09 -22.72
N ALA B 275 -15.49 -3.80 -23.77
CA ALA B 275 -14.61 -4.61 -24.61
C ALA B 275 -13.53 -3.77 -25.30
N LEU B 276 -13.89 -2.61 -25.82
CA LEU B 276 -12.97 -1.75 -26.54
C LEU B 276 -11.87 -1.06 -25.66
N SER B 277 -11.74 -1.49 -24.40
CA SER B 277 -10.73 -0.96 -23.49
C SER B 277 -9.53 -1.88 -23.52
N SER B 278 -9.85 -3.15 -23.81
CA SER B 278 -8.86 -4.15 -24.16
C SER B 278 -8.67 -4.09 -25.66
N GLN B 279 -9.68 -4.54 -26.42
CA GLN B 279 -9.48 -4.93 -27.84
C GLN B 279 -9.77 -3.84 -28.86
N HIS B 280 -9.65 -4.19 -30.13
CA HIS B 280 -9.76 -3.13 -31.17
C HIS B 280 -11.07 -3.13 -31.95
N GLN B 281 -11.88 -4.16 -31.69
CA GLN B 281 -13.20 -4.38 -32.30
C GLN B 281 -14.18 -5.04 -31.31
N ALA B 282 -15.43 -4.62 -31.33
CA ALA B 282 -16.52 -5.39 -30.68
C ALA B 282 -17.69 -5.61 -31.63
N ARG B 283 -18.34 -6.76 -31.49
CA ARG B 283 -19.54 -7.06 -32.29
C ARG B 283 -20.76 -6.92 -31.40
N ILE B 284 -21.80 -6.32 -31.98
CA ILE B 284 -23.08 -6.13 -31.31
C ILE B 284 -24.10 -6.93 -32.12
N GLU B 285 -24.66 -7.96 -31.49
CA GLU B 285 -25.73 -8.75 -32.08
C GLU B 285 -26.99 -8.79 -31.19
N ILE B 286 -28.13 -8.42 -31.78
CA ILE B 286 -29.47 -8.46 -31.12
C ILE B 286 -30.50 -9.23 -32.01
N GLU B 287 -30.92 -10.41 -31.56
CA GLU B 287 -31.99 -11.17 -32.20
C GLU B 287 -33.30 -10.42 -32.04
N SER B 288 -34.12 -10.44 -33.10
CA SER B 288 -35.43 -9.79 -33.08
C SER B 288 -35.37 -8.38 -32.47
N PHE B 289 -34.48 -7.55 -33.04
CA PHE B 289 -34.17 -6.19 -32.57
C PHE B 289 -35.36 -5.22 -32.79
N TYR B 290 -35.75 -5.07 -34.06
CA TYR B 290 -36.82 -4.16 -34.46
C TYR B 290 -37.70 -4.91 -35.48
N GLU B 291 -38.98 -5.06 -35.17
CA GLU B 291 -39.94 -5.65 -36.11
C GLU B 291 -39.45 -6.99 -36.65
N GLY B 292 -38.92 -7.81 -35.75
CA GLY B 292 -38.52 -9.20 -36.04
C GLY B 292 -37.24 -9.40 -36.87
N GLU B 293 -36.50 -8.33 -37.10
CA GLU B 293 -35.21 -8.40 -37.77
C GLU B 293 -34.06 -8.28 -36.74
N ASP B 294 -33.01 -9.08 -36.97
CA ASP B 294 -31.82 -9.09 -36.13
C ASP B 294 -30.82 -7.97 -36.45
N PHE B 295 -30.20 -7.44 -35.41
CA PHE B 295 -29.12 -6.45 -35.50
C PHE B 295 -27.75 -7.16 -35.47
N SER B 296 -26.91 -6.91 -36.45
CA SER B 296 -25.51 -7.30 -36.32
C SER B 296 -24.53 -6.28 -36.85
N GLU B 297 -23.84 -5.57 -35.95
CA GLU B 297 -22.83 -4.60 -36.35
C GLU B 297 -21.53 -4.70 -35.52
N THR B 298 -20.46 -4.12 -36.04
CA THR B 298 -19.19 -4.09 -35.29
C THR B 298 -18.70 -2.65 -35.05
N LEU B 299 -17.97 -2.50 -33.95
CA LEU B 299 -17.39 -1.22 -33.64
C LEU B 299 -15.90 -1.40 -33.43
N THR B 300 -15.15 -0.56 -34.13
CA THR B 300 -13.74 -0.41 -33.92
C THR B 300 -13.49 0.67 -32.81
N ARG B 301 -12.35 0.59 -32.15
CA ARG B 301 -11.94 1.61 -31.20
C ARG B 301 -11.79 2.96 -31.87
N ALA B 302 -11.25 2.98 -33.09
CA ALA B 302 -11.03 4.21 -33.85
C ALA B 302 -12.32 4.96 -34.08
N LYS B 303 -13.39 4.24 -34.48
CA LYS B 303 -14.68 4.90 -34.74
C LYS B 303 -15.21 5.50 -33.44
N PHE B 304 -15.20 4.66 -32.40
CA PHE B 304 -15.60 5.02 -31.01
C PHE B 304 -14.86 6.28 -30.53
N GLU B 305 -13.54 6.34 -30.72
CA GLU B 305 -12.81 7.54 -30.32
C GLU B 305 -13.16 8.71 -31.21
N GLU B 306 -13.24 8.47 -32.52
CA GLU B 306 -13.65 9.54 -33.44
C GLU B 306 -14.98 10.12 -33.01
N LEU B 307 -15.92 9.25 -32.71
CA LEU B 307 -17.27 9.67 -32.32
C LEU B 307 -17.24 10.47 -31.01
N ASN B 308 -16.23 10.19 -30.18
CA ASN B 308 -16.12 10.74 -28.83
C ASN B 308 -15.00 11.73 -28.53
N MET B 309 -14.12 11.98 -29.49
CA MET B 309 -12.95 12.89 -29.32
C MET B 309 -13.22 14.27 -28.68
N ASP B 310 -14.16 15.04 -29.20
CA ASP B 310 -14.52 16.34 -28.57
C ASP B 310 -14.81 16.27 -27.04
N LEU B 311 -15.47 15.18 -26.61
CA LEU B 311 -15.81 14.96 -25.20
C LEU B 311 -14.61 14.45 -24.39
N PHE B 312 -13.84 13.54 -24.98
CA PHE B 312 -12.62 13.02 -24.35
C PHE B 312 -11.63 14.16 -24.03
N ARG B 313 -11.47 15.09 -24.98
CA ARG B 313 -10.49 16.17 -24.87
C ARG B 313 -11.02 17.27 -24.00
N SER B 314 -12.35 17.40 -23.97
CA SER B 314 -13.01 18.35 -23.04
C SER B 314 -12.63 18.11 -21.54
N THR B 315 -12.18 16.89 -21.21
CA THR B 315 -11.82 16.53 -19.83
C THR B 315 -10.61 17.34 -19.31
N MET B 316 -9.76 17.78 -20.26
CA MET B 316 -8.50 18.48 -20.02
C MET B 316 -8.67 19.85 -19.41
N LYS B 317 -9.62 20.60 -19.93
CA LYS B 317 -9.84 21.96 -19.46
C LYS B 317 -10.11 22.09 -17.93
N PRO B 318 -11.06 21.30 -17.35
CA PRO B 318 -11.21 21.37 -15.89
C PRO B 318 -9.91 21.07 -15.12
N VAL B 319 -9.08 20.15 -15.62
CA VAL B 319 -7.77 19.82 -15.02
C VAL B 319 -6.80 21.04 -14.94
N GLN B 320 -6.74 21.85 -16.01
CA GLN B 320 -5.90 23.05 -16.06
C GLN B 320 -6.46 24.13 -15.16
N LYS B 321 -7.79 24.30 -15.18
CA LYS B 321 -8.46 25.27 -14.33
C LYS B 321 -8.23 25.00 -12.83
N VAL B 322 -8.27 23.72 -12.45
CA VAL B 322 -7.99 23.31 -11.08
C VAL B 322 -6.58 23.73 -10.65
N LEU B 323 -5.60 23.50 -11.52
CA LEU B 323 -4.21 23.86 -11.28
C LEU B 323 -4.00 25.36 -11.09
N GLU B 324 -4.68 26.17 -11.89
CA GLU B 324 -4.80 27.62 -11.69
C GLU B 324 -5.36 27.98 -10.32
N ASP B 325 -6.56 27.49 -10.01
CA ASP B 325 -7.24 27.82 -8.73
C ASP B 325 -6.59 27.21 -7.48
N SER B 326 -5.44 26.54 -7.69
CA SER B 326 -4.56 26.13 -6.59
C SER B 326 -3.11 26.54 -6.83
N ASP B 327 -2.90 27.53 -7.70
CA ASP B 327 -1.56 28.10 -7.97
C ASP B 327 -0.49 27.03 -8.13
N LEU B 328 -0.82 26.03 -8.93
CA LEU B 328 0.11 24.95 -9.19
C LEU B 328 0.34 24.82 -10.68
N LYS B 329 1.50 24.29 -11.00
CA LYS B 329 1.86 23.97 -12.37
C LYS B 329 1.75 22.47 -12.40
N LYS B 330 1.68 21.88 -13.60
CA LYS B 330 1.49 20.44 -13.69
C LYS B 330 2.66 19.62 -13.15
N SER B 331 3.84 20.23 -13.06
CA SER B 331 4.98 19.52 -12.46
C SER B 331 4.87 19.42 -10.93
N ASP B 332 3.93 20.20 -10.37
CA ASP B 332 3.65 20.15 -8.93
C ASP B 332 2.81 18.93 -8.48
N ILE B 333 2.10 18.31 -9.42
CA ILE B 333 1.34 17.09 -9.13
C ILE B 333 2.23 15.90 -8.79
N ASP B 334 2.19 15.49 -7.53
CA ASP B 334 2.97 14.38 -7.07
C ASP B 334 2.32 13.03 -7.34
N GLU B 335 1.00 13.00 -7.41
CA GLU B 335 0.27 11.74 -7.57
C GLU B 335 -1.01 11.96 -8.36
N ILE B 336 -1.26 11.07 -9.29
CA ILE B 336 -2.47 11.17 -10.14
C ILE B 336 -3.31 9.94 -9.85
N VAL B 337 -4.55 10.20 -9.46
CA VAL B 337 -5.52 9.13 -9.11
C VAL B 337 -6.67 9.07 -10.12
N LEU B 338 -6.85 7.91 -10.76
CA LEU B 338 -7.96 7.69 -11.72
C LEU B 338 -9.15 7.05 -11.04
N VAL B 339 -10.30 7.71 -11.18
CA VAL B 339 -11.53 7.17 -10.63
C VAL B 339 -12.61 7.08 -11.69
N GLY B 340 -13.46 6.07 -11.56
CA GLY B 340 -14.58 5.83 -12.49
C GLY B 340 -14.22 4.86 -13.59
N GLY B 341 -15.21 4.07 -14.02
CA GLY B 341 -15.05 3.10 -15.13
C GLY B 341 -14.49 3.61 -16.43
N SER B 342 -14.88 4.81 -16.82
CA SER B 342 -14.41 5.46 -18.01
C SER B 342 -12.89 5.71 -18.09
N THR B 343 -12.22 5.72 -16.93
CA THR B 343 -10.78 6.00 -16.94
C THR B 343 -9.97 4.79 -17.43
N ARG B 344 -10.65 3.67 -17.68
CA ARG B 344 -10.15 2.52 -18.40
C ARG B 344 -10.08 2.66 -19.91
N ILE B 345 -10.77 3.66 -20.47
CA ILE B 345 -10.66 3.99 -21.90
C ILE B 345 -9.25 4.50 -22.30
N PRO B 346 -8.52 3.73 -23.16
CA PRO B 346 -7.14 4.00 -23.55
C PRO B 346 -6.83 5.46 -23.88
N LYS B 347 -7.64 6.06 -24.74
CA LYS B 347 -7.53 7.45 -25.11
C LYS B 347 -7.65 8.46 -23.97
N ILE B 348 -8.44 8.12 -22.95
CA ILE B 348 -8.57 8.93 -21.72
C ILE B 348 -7.29 8.86 -20.89
N GLN B 349 -6.77 7.66 -20.71
CA GLN B 349 -5.50 7.47 -20.02
C GLN B 349 -4.36 8.14 -20.74
N GLN B 350 -4.50 8.22 -22.06
CA GLN B 350 -3.55 8.86 -22.94
C GLN B 350 -3.62 10.37 -22.83
N LEU B 351 -4.82 10.93 -22.84
CA LEU B 351 -4.95 12.36 -22.67
C LEU B 351 -4.39 12.84 -21.33
N VAL B 352 -4.55 12.03 -20.28
CA VAL B 352 -4.18 12.41 -18.88
C VAL B 352 -2.68 12.30 -18.67
N LYS B 353 -2.10 11.17 -19.09
CA LYS B 353 -0.65 10.96 -19.06
C LYS B 353 0.10 12.01 -19.88
N GLU B 354 -0.36 12.26 -21.11
CA GLU B 354 0.22 13.28 -22.01
C GLU B 354 0.10 14.68 -21.44
N PHE B 355 -1.03 14.95 -20.78
CA PHE B 355 -1.25 16.25 -20.17
C PHE B 355 -0.23 16.54 -19.05
N PHE B 356 0.15 15.50 -18.31
CA PHE B 356 1.12 15.60 -17.21
C PHE B 356 2.47 15.08 -17.70
N ASN B 357 2.77 15.42 -18.96
CA ASN B 357 4.03 15.14 -19.66
C ASN B 357 4.65 13.76 -19.40
N GLY B 358 3.84 12.71 -19.52
CA GLY B 358 4.33 11.35 -19.38
C GLY B 358 4.18 10.68 -18.02
N LYS B 359 3.77 11.45 -17.00
CA LYS B 359 3.61 10.91 -15.66
C LYS B 359 2.58 9.78 -15.60
N GLU B 360 2.96 8.66 -14.98
CA GLU B 360 2.09 7.52 -14.77
C GLU B 360 1.21 7.70 -13.51
N PRO B 361 -0.11 7.58 -13.67
CA PRO B 361 -1.04 7.55 -12.52
C PRO B 361 -0.83 6.30 -11.67
N SER B 362 -1.26 6.35 -10.40
CA SER B 362 -1.40 5.15 -9.59
C SER B 362 -2.27 4.11 -10.32
N ARG B 363 -2.05 2.85 -9.97
CA ARG B 363 -2.75 1.72 -10.57
C ARG B 363 -2.72 0.53 -9.63
N GLY B 364 -3.61 -0.43 -9.86
CA GLY B 364 -3.72 -1.62 -9.02
C GLY B 364 -5.05 -1.82 -8.33
N ILE B 365 -5.90 -0.81 -8.41
CA ILE B 365 -7.28 -0.90 -7.88
C ILE B 365 -8.22 -0.49 -8.99
N ASN B 366 -9.20 -1.32 -9.30
CA ASN B 366 -10.25 -0.94 -10.25
C ASN B 366 -10.80 0.48 -9.92
N PRO B 367 -10.77 1.37 -10.91
CA PRO B 367 -11.18 2.77 -10.70
C PRO B 367 -12.65 2.91 -10.31
N ASP B 368 -13.45 1.86 -10.60
CA ASP B 368 -14.87 1.77 -10.19
C ASP B 368 -15.02 1.40 -8.73
N GLU B 369 -13.95 0.84 -8.17
CA GLU B 369 -13.93 0.27 -6.83
C GLU B 369 -13.19 1.07 -5.78
N ALA B 370 -12.35 2.02 -6.19
CA ALA B 370 -11.40 2.78 -5.34
C ALA B 370 -12.01 3.70 -4.26
N VAL B 371 -13.17 4.32 -4.56
CA VAL B 371 -13.89 5.10 -3.55
C VAL B 371 -14.42 4.13 -2.46
N ALA B 372 -15.15 3.05 -2.85
CA ALA B 372 -15.64 2.07 -1.85
C ALA B 372 -14.49 1.45 -1.05
N TYR B 373 -13.37 1.20 -1.73
CA TYR B 373 -12.20 0.61 -1.13
C TYR B 373 -11.70 1.47 0.03
N GLY B 374 -11.67 2.80 -0.20
CA GLY B 374 -11.18 3.74 0.76
C GLY B 374 -12.10 3.85 1.95
N ALA B 375 -13.40 3.94 1.67
CA ALA B 375 -14.47 3.88 2.66
C ALA B 375 -14.34 2.61 3.52
N ALA B 376 -14.00 1.47 2.89
CA ALA B 376 -13.76 0.19 3.61
C ALA B 376 -12.51 0.10 4.48
N VAL B 377 -11.44 0.78 4.07
CA VAL B 377 -10.23 0.96 4.89
C VAL B 377 -10.63 1.64 6.20
N GLN B 378 -11.39 2.72 6.09
CA GLN B 378 -11.87 3.49 7.26
C GLN B 378 -12.90 2.73 8.04
N ALA B 379 -13.77 1.97 7.34
CA ALA B 379 -14.69 1.01 8.00
C ALA B 379 -13.94 -0.04 8.83
N GLY B 380 -12.75 -0.44 8.38
CA GLY B 380 -12.02 -1.50 9.09
C GLY B 380 -11.52 -0.98 10.43
N VAL B 381 -11.00 0.25 10.46
CA VAL B 381 -10.49 0.86 11.69
C VAL B 381 -11.62 0.91 12.72
N LEU B 382 -12.79 1.34 12.28
CA LEU B 382 -13.93 1.59 13.15
C LEU B 382 -14.57 0.32 13.63
N SER B 383 -14.43 -0.76 12.86
CA SER B 383 -14.82 -2.08 13.32
C SER B 383 -13.86 -2.51 14.44
N GLY B 384 -12.54 -2.42 14.20
CA GLY B 384 -11.53 -2.91 15.15
C GLY B 384 -11.29 -4.41 15.02
#